data_4HVZ
#
_entry.id   4HVZ
#
_cell.length_a   203.086
_cell.length_b   203.086
_cell.length_c   207.295
_cell.angle_alpha   90.00
_cell.angle_beta   90.00
_cell.angle_gamma   90.00
#
_symmetry.space_group_name_H-M   'I 41 2 2'
#
_entity_poly.entity_id   1
_entity_poly.type   'polypeptide(L)'
_entity_poly.pdbx_seq_one_letter_code
;GSQENQMTTQPARIAVTGEGMMTASPDMAILNLSVLRQAKTAREAMTANNEAMTKVLDAMKKAGIEDRDLQTGGIDIQPI
YVYPDDKNNLKEPTITGYSVSTSLTVRVRELANVGKILDESVTLGVNQGGDLNLVNDNPSAVINEARKRAVANAIAKAKT
LADAAGVGLGRVVEISELSRPPMPMPIARGQFRTMLAAAPDNSVPIAAGENSYNVSVNVVFEIK
;
_entity_poly.pdbx_strand_id   A,B,C,D
#
# COMPACT_ATOMS: atom_id res chain seq x y z
N PRO A 11 5.46 -10.65 43.38
CA PRO A 11 5.63 -10.23 44.79
C PRO A 11 5.55 -8.70 44.96
N ALA A 12 6.26 -8.19 45.97
CA ALA A 12 6.17 -6.78 46.39
C ALA A 12 7.15 -5.84 45.72
N ARG A 13 6.66 -4.72 45.22
CA ARG A 13 7.55 -3.78 44.57
C ARG A 13 7.01 -2.36 44.49
N ILE A 14 7.86 -1.47 44.00
CA ILE A 14 7.46 -0.10 43.75
C ILE A 14 7.94 0.25 42.34
N ALA A 15 7.05 0.86 41.58
CA ALA A 15 7.37 1.24 40.22
C ALA A 15 7.28 2.75 39.99
N VAL A 16 8.45 3.30 39.69
CA VAL A 16 8.59 4.67 39.29
C VAL A 16 9.29 4.85 37.94
N THR A 17 8.84 5.92 37.28
CA THR A 17 9.54 6.60 36.20
C THR A 17 10.08 7.89 36.78
N GLY A 18 11.23 8.33 36.28
CA GLY A 18 11.57 9.71 36.52
C GLY A 18 12.39 10.26 35.38
N GLU A 19 12.16 11.53 35.12
CA GLU A 19 12.77 12.26 34.04
C GLU A 19 14.15 12.74 34.44
N GLY A 20 14.97 13.02 33.45
CA GLY A 20 16.26 13.62 33.68
C GLY A 20 16.51 14.56 32.51
N MET A 21 17.19 15.63 32.83
CA MET A 21 16.99 16.85 32.12
C MET A 21 18.29 17.63 31.98
N MET A 22 18.73 17.90 30.76
CA MET A 22 19.97 18.67 30.63
C MET A 22 20.01 19.58 29.41
N THR A 23 20.46 20.80 29.64
CA THR A 23 20.33 21.89 28.70
C THR A 23 21.68 22.43 28.28
N ALA A 24 21.78 22.83 27.02
CA ALA A 24 23.05 23.27 26.49
C ALA A 24 22.92 24.31 25.39
N SER A 25 23.92 25.19 25.36
CA SER A 25 24.02 26.21 24.33
C SER A 25 24.67 25.58 23.11
N PRO A 26 24.48 26.21 21.94
CA PRO A 26 25.07 25.69 20.70
C PRO A 26 26.55 26.02 20.58
N ASP A 27 27.25 25.15 19.86
CA ASP A 27 28.67 25.26 19.61
C ASP A 27 28.87 25.75 18.20
N MET A 28 28.39 24.94 17.26
CA MET A 28 28.60 25.16 15.85
C MET A 28 27.37 25.62 15.10
N ALA A 29 27.47 25.73 13.79
CA ALA A 29 26.33 26.04 12.98
C ALA A 29 26.51 25.14 11.80
N ILE A 30 25.44 24.68 11.19
CA ILE A 30 25.64 23.86 10.03
C ILE A 30 24.74 24.33 8.95
N LEU A 31 25.29 24.87 7.85
CA LEU A 31 24.44 25.41 6.82
C LEU A 31 24.32 24.41 5.71
N ASN A 32 23.10 24.16 5.25
CA ASN A 32 22.87 23.36 4.06
C ASN A 32 22.86 24.37 2.95
N LEU A 33 23.66 24.16 1.92
CA LEU A 33 23.71 25.10 0.84
C LEU A 33 23.61 24.28 -0.40
N SER A 34 22.67 24.62 -1.28
CA SER A 34 22.50 23.88 -2.51
C SER A 34 23.03 24.78 -3.59
N VAL A 35 23.72 24.23 -4.59
CA VAL A 35 24.24 25.07 -5.65
C VAL A 35 23.74 24.71 -7.05
N LEU A 36 22.92 25.58 -7.60
CA LEU A 36 22.40 25.27 -8.92
C LEU A 36 22.68 26.33 -9.97
N ARG A 37 23.03 25.83 -11.14
CA ARG A 37 23.13 26.56 -12.38
C ARG A 37 22.29 25.68 -13.36
N GLN A 38 22.13 26.06 -14.63
CA GLN A 38 21.19 25.36 -15.54
C GLN A 38 21.61 25.53 -17.01
N ALA A 39 21.14 24.64 -17.88
CA ALA A 39 21.52 24.64 -19.31
C ALA A 39 20.48 24.02 -20.25
N LYS A 40 20.58 24.32 -21.55
CA LYS A 40 19.57 23.88 -22.53
C LYS A 40 19.42 22.36 -22.60
N THR A 41 20.37 21.68 -21.97
CA THR A 41 20.36 20.22 -21.85
C THR A 41 21.07 19.63 -20.60
N ALA A 42 20.60 18.44 -20.21
CA ALA A 42 21.10 17.74 -19.05
C ALA A 42 22.60 17.69 -19.03
N ARG A 43 23.18 17.06 -20.06
CA ARG A 43 24.60 16.77 -20.10
C ARG A 43 25.42 17.98 -19.63
N GLU A 44 25.07 19.15 -20.17
CA GLU A 44 25.81 20.39 -19.92
C GLU A 44 25.50 21.03 -18.59
N ALA A 45 24.24 20.96 -18.21
CA ALA A 45 23.82 21.42 -16.90
C ALA A 45 24.68 20.73 -15.87
N MET A 46 24.76 19.40 -15.97
CA MET A 46 25.48 18.59 -15.01
C MET A 46 26.91 19.08 -14.76
N THR A 47 27.69 19.24 -15.84
CA THR A 47 29.08 19.70 -15.70
C THR A 47 29.15 21.18 -15.37
N ALA A 48 28.27 21.96 -16.00
CA ALA A 48 28.15 23.38 -15.70
C ALA A 48 27.99 23.59 -14.19
N ASN A 49 27.38 22.60 -13.57
CA ASN A 49 27.25 22.50 -12.13
C ASN A 49 28.58 22.06 -11.53
N ASN A 50 29.04 20.88 -11.93
CA ASN A 50 30.23 20.28 -11.37
C ASN A 50 31.26 21.38 -11.26
N GLU A 51 31.46 22.09 -12.37
CA GLU A 51 32.53 23.08 -12.48
C GLU A 51 32.37 24.20 -11.46
N ALA A 52 31.15 24.73 -11.39
CA ALA A 52 30.83 25.83 -10.50
C ALA A 52 30.84 25.35 -9.07
N MET A 53 30.40 24.11 -8.89
CA MET A 53 30.56 23.44 -7.63
C MET A 53 31.99 23.62 -7.17
N THR A 54 32.91 22.96 -7.88
CA THR A 54 34.32 22.97 -7.53
C THR A 54 34.79 24.39 -7.29
N LYS A 55 34.18 25.34 -7.98
CA LYS A 55 34.51 26.74 -7.74
C LYS A 55 34.25 27.11 -6.27
N VAL A 56 33.08 26.73 -5.76
CA VAL A 56 32.64 27.24 -4.47
C VAL A 56 33.36 26.65 -3.27
N LEU A 57 33.62 25.36 -3.28
CA LEU A 57 34.31 24.80 -2.11
C LEU A 57 35.73 25.33 -2.09
N ASP A 58 36.31 25.57 -3.26
CA ASP A 58 37.62 26.22 -3.33
C ASP A 58 37.56 27.51 -2.54
N ALA A 59 36.55 28.31 -2.86
CA ALA A 59 36.28 29.55 -2.15
C ALA A 59 36.15 29.40 -0.61
N MET A 60 35.67 28.24 -0.18
CA MET A 60 35.49 27.91 1.24
C MET A 60 36.79 27.44 1.90
N LYS A 61 37.37 26.39 1.31
CA LYS A 61 38.66 25.84 1.75
C LYS A 61 39.67 26.98 1.92
N LYS A 62 39.54 28.00 1.09
CA LYS A 62 40.25 29.27 1.30
C LYS A 62 39.54 30.15 2.34
N ALA A 63 38.21 30.12 2.33
CA ALA A 63 37.43 30.92 3.28
C ALA A 63 37.63 30.44 4.73
N GLY A 64 38.37 29.35 4.89
CA GLY A 64 38.77 28.92 6.22
C GLY A 64 38.18 27.69 6.86
N ILE A 65 37.55 26.82 6.08
CA ILE A 65 36.94 25.61 6.64
C ILE A 65 37.56 24.33 6.07
N GLU A 66 38.01 23.43 6.94
CA GLU A 66 38.81 22.27 6.49
C GLU A 66 38.02 21.24 5.72
N ASP A 67 38.73 20.36 5.02
CA ASP A 67 38.06 19.33 4.25
C ASP A 67 37.23 18.40 5.11
N ARG A 68 37.41 18.48 6.43
CA ARG A 68 36.62 17.71 7.43
C ARG A 68 35.25 18.29 7.80
N ASP A 69 35.10 19.60 7.56
CA ASP A 69 33.87 20.37 7.77
C ASP A 69 33.02 20.57 6.51
N LEU A 70 33.38 19.91 5.41
CA LEU A 70 32.59 20.01 4.18
C LEU A 70 31.99 18.69 3.67
N GLN A 71 30.76 18.76 3.17
CA GLN A 71 30.15 17.59 2.53
C GLN A 71 29.27 17.89 1.31
N THR A 72 29.22 16.90 0.41
CA THR A 72 28.59 17.01 -0.90
C THR A 72 27.63 15.85 -1.17
N GLY A 73 27.13 15.72 -2.39
CA GLY A 73 26.27 14.60 -2.74
C GLY A 73 24.84 15.06 -2.88
N GLY A 74 23.96 14.15 -3.25
CA GLY A 74 22.56 14.48 -3.45
C GLY A 74 22.25 15.36 -4.66
N ILE A 75 22.67 14.88 -5.81
CA ILE A 75 22.35 15.51 -7.08
C ILE A 75 20.84 15.61 -7.25
N ASP A 76 20.39 16.68 -7.91
CA ASP A 76 18.98 16.83 -8.27
C ASP A 76 18.83 17.40 -9.68
N ILE A 77 17.98 16.80 -10.51
CA ILE A 77 17.87 17.34 -11.86
C ILE A 77 16.45 17.32 -12.45
N GLN A 78 15.98 18.47 -12.92
CA GLN A 78 14.62 18.56 -13.43
C GLN A 78 14.40 19.56 -14.58
N PRO A 79 13.30 19.39 -15.35
CA PRO A 79 13.14 20.21 -16.55
C PRO A 79 13.09 21.66 -16.18
N ILE A 80 12.95 22.51 -17.20
CA ILE A 80 12.57 23.91 -17.04
C ILE A 80 11.60 24.19 -18.16
N TYR A 81 10.38 24.64 -17.87
CA TYR A 81 9.42 24.77 -18.96
C TYR A 81 9.10 26.20 -19.50
N VAL A 82 8.35 26.28 -20.60
CA VAL A 82 7.75 27.52 -21.05
C VAL A 82 6.26 27.32 -20.99
N TYR A 83 5.63 28.08 -20.13
CA TYR A 83 4.26 27.85 -19.77
C TYR A 83 3.35 28.67 -20.68
N PRO A 84 2.18 28.11 -21.07
CA PRO A 84 1.15 28.76 -21.91
C PRO A 84 0.54 30.09 -21.42
N ASP A 85 0.41 31.09 -22.29
CA ASP A 85 -0.10 32.43 -21.94
C ASP A 85 -0.73 33.22 -23.12
N ASP A 86 -0.98 34.52 -22.98
CA ASP A 86 -1.46 35.31 -24.13
C ASP A 86 -0.29 35.48 -25.11
N LYS A 87 -0.42 34.94 -26.33
CA LYS A 87 0.73 34.44 -27.11
C LYS A 87 1.05 32.95 -26.90
N ASN A 88 0.14 32.26 -26.21
CA ASN A 88 0.08 30.79 -26.21
C ASN A 88 -0.31 30.37 -27.62
N ASN A 89 -0.86 29.18 -27.79
CA ASN A 89 -0.70 28.39 -29.00
C ASN A 89 0.38 27.38 -28.72
N LEU A 90 0.91 27.42 -27.49
CA LEU A 90 1.59 26.27 -26.97
C LEU A 90 0.60 25.52 -26.10
N LYS A 91 0.68 24.20 -26.20
CA LYS A 91 -0.24 23.31 -25.55
C LYS A 91 0.36 22.97 -24.22
N GLU A 92 -0.11 23.56 -23.12
CA GLU A 92 0.46 23.07 -21.88
C GLU A 92 1.98 23.36 -22.03
N PRO A 93 2.81 22.95 -21.07
CA PRO A 93 4.23 23.29 -21.31
C PRO A 93 5.09 22.45 -22.30
N THR A 94 6.29 23.00 -22.52
CA THR A 94 7.30 22.52 -23.44
C THR A 94 8.71 22.85 -22.92
N ILE A 95 9.65 21.93 -23.06
CA ILE A 95 10.86 21.94 -22.24
C ILE A 95 12.04 22.74 -22.80
N THR A 96 12.32 23.87 -22.18
CA THR A 96 13.30 24.86 -22.69
C THR A 96 14.74 24.66 -22.15
N GLY A 97 14.93 23.56 -21.43
CA GLY A 97 16.21 23.28 -20.78
C GLY A 97 16.07 22.45 -19.51
N TYR A 98 17.12 22.44 -18.70
CA TYR A 98 17.10 21.71 -17.44
C TYR A 98 17.86 22.50 -16.40
N SER A 99 17.64 22.12 -15.14
CA SER A 99 18.25 22.81 -14.02
C SER A 99 18.74 21.82 -13.01
N VAL A 100 19.97 22.06 -12.58
CA VAL A 100 20.68 21.12 -11.75
C VAL A 100 21.34 21.79 -10.58
N SER A 101 21.18 21.12 -9.44
CA SER A 101 21.79 21.48 -8.19
C SER A 101 22.27 20.23 -7.46
N THR A 102 23.39 20.40 -6.78
CA THR A 102 23.79 19.44 -5.79
C THR A 102 23.78 20.23 -4.49
N SER A 103 23.62 19.52 -3.40
CA SER A 103 23.57 20.11 -2.09
C SER A 103 24.98 20.05 -1.58
N LEU A 104 25.39 21.08 -0.85
CA LEU A 104 26.65 20.94 -0.17
C LEU A 104 26.56 21.61 1.18
N THR A 105 26.94 20.89 2.22
CA THR A 105 26.84 21.44 3.58
C THR A 105 28.19 21.86 4.10
N VAL A 106 28.16 22.90 4.90
CA VAL A 106 29.36 23.50 5.41
C VAL A 106 29.18 23.54 6.90
N ARG A 107 30.22 23.20 7.64
CA ARG A 107 30.05 23.12 9.07
C ARG A 107 30.88 24.17 9.74
N VAL A 108 30.25 25.19 10.27
CA VAL A 108 31.05 26.27 10.78
C VAL A 108 31.36 26.01 12.23
N ARG A 109 32.62 25.70 12.54
CA ARG A 109 33.08 25.59 13.92
C ARG A 109 33.27 27.01 14.45
N GLU A 110 33.57 27.20 15.72
CA GLU A 110 33.86 28.56 16.15
C GLU A 110 32.70 29.52 15.82
N LEU A 111 31.63 29.43 16.59
CA LEU A 111 30.37 30.10 16.24
C LEU A 111 30.47 31.57 15.78
N ALA A 112 31.41 32.30 16.35
CA ALA A 112 31.53 33.71 16.01
C ALA A 112 31.97 33.90 14.54
N ASN A 113 32.29 32.79 13.88
CA ASN A 113 32.73 32.84 12.47
C ASN A 113 31.62 32.62 11.43
N VAL A 114 30.37 32.53 11.88
CA VAL A 114 29.26 32.32 10.97
C VAL A 114 29.00 33.48 10.02
N GLY A 115 28.77 34.67 10.58
CA GLY A 115 28.50 35.83 9.75
C GLY A 115 29.50 35.93 8.62
N LYS A 116 30.80 35.76 8.94
CA LYS A 116 31.84 35.71 7.92
C LYS A 116 31.38 34.71 6.87
N ILE A 117 31.40 33.44 7.24
CA ILE A 117 31.09 32.39 6.28
C ILE A 117 29.70 32.45 5.68
N LEU A 118 28.70 32.70 6.51
CA LEU A 118 27.35 32.83 6.01
C LEU A 118 27.31 33.80 4.84
N ASP A 119 27.99 34.93 5.00
CA ASP A 119 27.96 35.99 4.01
C ASP A 119 28.52 35.52 2.68
N GLU A 120 29.67 34.90 2.75
CA GLU A 120 30.31 34.37 1.57
C GLU A 120 29.35 33.46 0.82
N SER A 121 28.71 32.57 1.56
CA SER A 121 27.85 31.52 1.00
C SER A 121 26.73 32.12 0.17
N VAL A 122 26.57 33.42 0.30
CA VAL A 122 25.59 34.21 -0.44
C VAL A 122 26.25 34.95 -1.61
N THR A 123 27.25 35.78 -1.32
CA THR A 123 27.92 36.47 -2.40
C THR A 123 28.36 35.46 -3.47
N LEU A 124 28.43 34.18 -3.15
CA LEU A 124 28.73 33.16 -4.16
C LEU A 124 27.51 32.51 -4.82
N GLY A 125 26.31 32.94 -4.45
CA GLY A 125 25.08 32.23 -4.80
C GLY A 125 24.59 31.35 -3.65
N VAL A 126 23.66 30.44 -3.93
CA VAL A 126 23.25 29.39 -2.98
C VAL A 126 22.28 29.78 -1.88
N ASN A 127 22.13 31.07 -1.64
CA ASN A 127 21.20 31.56 -0.66
C ASN A 127 21.25 30.72 0.61
N GLN A 128 20.07 30.47 1.15
CA GLN A 128 19.89 29.74 2.40
C GLN A 128 20.63 30.32 3.60
N GLY A 129 20.11 31.41 4.16
CA GLY A 129 20.69 31.98 5.36
C GLY A 129 20.84 30.81 6.32
N GLY A 130 21.66 30.94 7.36
CA GLY A 130 22.14 29.76 8.08
C GLY A 130 21.12 28.90 8.80
N ASP A 131 19.85 29.28 8.66
CA ASP A 131 18.69 28.52 9.16
C ASP A 131 18.75 28.11 10.63
N LEU A 132 19.57 28.83 11.40
CA LEU A 132 19.63 28.69 12.88
C LEU A 132 19.72 27.22 13.36
N ASN A 133 20.50 26.45 12.60
CA ASN A 133 20.79 25.03 12.80
C ASN A 133 22.03 24.90 13.65
N LEU A 134 22.32 25.96 14.38
CA LEU A 134 23.26 25.85 15.45
C LEU A 134 22.93 24.58 16.25
N VAL A 135 23.95 23.79 16.52
CA VAL A 135 23.82 22.50 17.14
C VAL A 135 24.95 22.48 18.11
N ASN A 136 25.21 21.33 18.69
CA ASN A 136 26.43 21.12 19.47
C ASN A 136 26.97 19.81 18.93
N ASP A 137 28.26 19.50 19.14
CA ASP A 137 28.78 18.25 18.54
C ASP A 137 28.73 17.04 19.45
N ASN A 138 29.41 17.07 20.60
CA ASN A 138 29.16 15.98 21.54
C ASN A 138 28.12 16.46 22.52
N PRO A 139 26.85 16.09 22.26
CA PRO A 139 25.71 16.05 23.16
C PRO A 139 25.84 14.81 23.99
N SER A 140 26.44 13.79 23.39
CA SER A 140 26.39 12.46 23.95
C SER A 140 26.71 12.58 25.41
N ALA A 141 27.60 13.51 25.78
CA ALA A 141 27.90 13.72 27.19
C ALA A 141 26.76 14.44 27.86
N VAL A 142 26.15 15.38 27.17
CA VAL A 142 25.03 16.09 27.76
C VAL A 142 23.82 15.21 27.87
N ILE A 143 23.47 14.58 26.75
CA ILE A 143 22.41 13.60 26.74
C ILE A 143 22.71 12.67 27.89
N ASN A 144 23.89 12.06 27.85
CA ASN A 144 24.24 11.06 28.84
C ASN A 144 24.03 11.58 30.23
N GLU A 145 24.37 12.83 30.45
CA GLU A 145 24.20 13.43 31.76
C GLU A 145 22.74 13.36 32.20
N ALA A 146 21.84 13.66 31.29
CA ALA A 146 20.41 13.64 31.61
C ALA A 146 19.92 12.25 31.96
N ARG A 147 20.52 11.22 31.36
CA ARG A 147 20.20 9.86 31.73
C ARG A 147 20.55 9.67 33.20
N LYS A 148 21.82 9.91 33.51
CA LYS A 148 22.29 9.74 34.86
C LYS A 148 21.37 10.44 35.86
N ARG A 149 21.00 11.68 35.51
CA ARG A 149 19.98 12.43 36.23
C ARG A 149 18.73 11.60 36.46
N ALA A 150 18.11 11.23 35.35
CA ALA A 150 16.81 10.57 35.38
C ALA A 150 16.77 9.37 36.30
N VAL A 151 17.71 8.43 36.17
CA VAL A 151 17.74 7.30 37.10
C VAL A 151 17.74 7.81 38.53
N ALA A 152 18.82 8.49 38.86
CA ALA A 152 19.02 8.87 40.23
C ALA A 152 17.81 9.68 40.73
N ASN A 153 17.17 10.45 39.87
CA ASN A 153 15.91 11.06 40.26
C ASN A 153 14.94 9.99 40.72
N ALA A 154 14.60 9.11 39.80
CA ALA A 154 13.52 8.15 40.02
C ALA A 154 13.84 7.32 41.23
N ILE A 155 15.13 7.22 41.54
CA ILE A 155 15.55 6.51 42.73
C ILE A 155 15.04 7.30 43.91
N ALA A 156 15.42 8.55 43.97
CA ALA A 156 15.02 9.39 45.07
C ALA A 156 13.51 9.59 45.10
N LYS A 157 12.81 9.12 44.06
CA LYS A 157 11.34 9.13 44.02
C LYS A 157 10.71 7.94 44.76
N ALA A 158 11.39 6.81 44.66
CA ALA A 158 10.94 5.63 45.34
C ALA A 158 11.19 5.77 46.85
N LYS A 159 12.36 6.32 47.21
CA LYS A 159 12.68 6.71 48.59
C LYS A 159 11.50 7.45 49.13
N THR A 160 11.20 8.61 48.56
CA THR A 160 10.02 9.33 49.00
C THR A 160 8.82 8.39 49.15
N LEU A 161 8.54 7.57 48.13
CA LEU A 161 7.32 6.75 48.19
C LEU A 161 7.32 5.70 49.28
N ALA A 162 8.36 4.88 49.32
CA ALA A 162 8.49 3.87 50.38
C ALA A 162 8.22 4.44 51.77
N ASP A 163 8.83 5.58 52.09
CA ASP A 163 8.57 6.20 53.37
C ASP A 163 7.11 6.44 53.57
N ALA A 164 6.54 7.42 52.89
CA ALA A 164 5.20 7.88 53.20
C ALA A 164 4.23 6.70 53.32
N ALA A 165 4.65 5.57 52.75
CA ALA A 165 3.94 4.29 52.87
C ALA A 165 4.54 3.34 53.89
N GLY A 166 5.65 3.74 54.51
CA GLY A 166 6.23 3.05 55.65
C GLY A 166 6.97 1.74 55.39
N VAL A 167 7.42 1.56 54.17
CA VAL A 167 8.09 0.35 53.86
C VAL A 167 9.52 0.70 53.48
N GLY A 168 10.43 -0.27 53.62
CA GLY A 168 11.80 -0.11 53.12
C GLY A 168 11.99 -0.49 51.66
N LEU A 169 12.80 0.32 50.97
CA LEU A 169 12.91 0.25 49.51
C LEU A 169 14.15 -0.52 49.11
N GLY A 170 13.93 -1.64 48.43
CA GLY A 170 14.91 -2.71 48.30
C GLY A 170 15.85 -2.74 47.12
N ARG A 171 16.16 -3.93 46.61
CA ARG A 171 17.04 -4.13 45.45
C ARG A 171 16.39 -3.51 44.21
N VAL A 172 17.17 -3.15 43.20
CA VAL A 172 16.57 -2.71 41.94
C VAL A 172 16.33 -3.90 41.06
N VAL A 173 15.05 -4.19 40.85
CA VAL A 173 14.64 -5.35 40.09
C VAL A 173 14.62 -5.08 38.60
N GLU A 174 14.21 -3.87 38.23
CA GLU A 174 14.13 -3.52 36.80
C GLU A 174 14.44 -2.07 36.47
N ILE A 175 15.16 -1.87 35.38
CA ILE A 175 15.32 -0.52 34.84
C ILE A 175 15.03 -0.65 33.38
N SER A 176 14.23 0.27 32.84
CA SER A 176 14.06 0.33 31.39
C SER A 176 13.86 1.74 30.84
N GLU A 177 14.62 2.04 29.78
CA GLU A 177 14.43 3.20 28.92
C GLU A 177 14.13 2.64 27.53
N LEU A 178 12.84 2.56 27.21
CA LEU A 178 12.39 2.09 25.91
C LEU A 178 11.83 3.20 25.06
N SER A 179 11.77 4.37 25.66
CA SER A 179 11.05 5.48 25.09
C SER A 179 11.71 5.98 23.83
N ARG A 180 10.93 6.76 23.11
CA ARG A 180 11.42 7.52 21.99
C ARG A 180 12.68 8.20 22.52
N PRO A 181 13.82 7.85 21.90
CA PRO A 181 15.24 8.22 22.15
C PRO A 181 15.45 9.71 22.28
N PRO A 182 16.46 10.09 23.08
CA PRO A 182 16.65 11.47 23.54
C PRO A 182 17.02 12.35 22.37
N MET A 183 16.35 13.47 22.22
CA MET A 183 16.58 14.24 21.02
C MET A 183 16.55 15.75 21.23
N PRO A 184 17.44 16.49 20.56
CA PRO A 184 17.66 17.89 20.89
C PRO A 184 16.48 18.77 20.60
N MET A 185 15.46 18.72 21.45
CA MET A 185 14.34 19.64 21.34
C MET A 185 14.84 20.98 21.81
N PRO A 186 14.97 21.92 20.87
CA PRO A 186 15.30 23.29 21.24
C PRO A 186 14.12 24.02 21.86
N ILE A 187 14.44 25.17 22.44
CA ILE A 187 13.58 25.91 23.34
C ILE A 187 13.25 27.27 22.80
N ALA A 188 11.96 27.59 22.65
CA ALA A 188 11.50 28.91 22.17
C ALA A 188 10.15 29.32 22.80
N ARG A 189 9.52 30.40 22.31
CA ARG A 189 8.42 31.07 23.04
C ARG A 189 7.40 30.14 23.70
N GLY A 190 6.71 29.34 22.89
CA GLY A 190 5.72 28.41 23.42
C GLY A 190 6.21 27.44 24.49
N GLN A 191 7.47 27.05 24.42
CA GLN A 191 8.00 26.01 25.32
C GLN A 191 8.51 26.58 26.64
N PHE A 192 8.33 27.88 26.84
CA PHE A 192 8.84 28.56 28.01
C PHE A 192 8.61 27.83 29.35
N ARG A 193 7.36 27.82 29.82
CA ARG A 193 7.07 27.46 31.22
C ARG A 193 7.30 26.00 31.46
N THR A 194 6.80 25.21 30.51
CA THR A 194 6.84 23.78 30.60
C THR A 194 8.29 23.28 30.71
N MET A 195 9.23 24.17 30.47
CA MET A 195 10.64 23.80 30.51
C MET A 195 11.23 24.12 31.87
N LEU A 196 11.31 25.41 32.15
CA LEU A 196 11.86 25.92 33.41
C LEU A 196 11.14 25.27 34.57
N ALA A 197 9.85 24.98 34.36
CA ALA A 197 9.05 24.24 35.31
C ALA A 197 9.56 22.79 35.46
N ALA A 198 10.05 22.22 34.37
CA ALA A 198 10.54 20.85 34.40
C ALA A 198 12.05 20.76 34.60
N ALA A 199 12.69 21.90 34.78
CA ALA A 199 14.15 21.96 34.84
C ALA A 199 14.80 21.87 36.25
N PRO A 200 16.09 21.46 36.29
CA PRO A 200 16.98 21.38 37.43
C PRO A 200 17.00 22.63 38.32
N ASP A 201 16.94 22.42 39.63
CA ASP A 201 17.02 23.52 40.57
C ASP A 201 18.47 23.90 40.82
N ASN A 202 18.73 25.20 40.73
CA ASN A 202 20.09 25.73 40.92
C ASN A 202 21.24 25.01 40.19
N SER A 203 20.99 24.69 38.92
CA SER A 203 22.01 24.73 37.88
C SER A 203 21.78 26.15 37.35
N VAL A 204 22.38 26.54 36.21
CA VAL A 204 22.23 27.92 35.76
C VAL A 204 20.75 28.15 35.45
N PRO A 205 20.38 29.40 35.17
CA PRO A 205 19.04 29.64 34.62
C PRO A 205 19.05 29.16 33.20
N ILE A 206 17.88 29.05 32.58
CA ILE A 206 17.80 28.48 31.25
C ILE A 206 17.37 29.51 30.19
N ALA A 207 17.95 29.47 28.99
CA ALA A 207 17.62 30.52 28.02
C ALA A 207 17.22 30.05 26.64
N ALA A 208 16.46 30.89 25.93
CA ALA A 208 15.96 30.53 24.61
C ALA A 208 17.07 30.30 23.56
N GLY A 209 16.88 29.29 22.74
CA GLY A 209 17.81 29.08 21.66
C GLY A 209 18.67 27.91 22.05
N GLU A 210 18.67 27.58 23.34
CA GLU A 210 19.34 26.37 23.80
C GLU A 210 18.62 25.14 23.30
N ASN A 211 19.32 24.02 23.33
CA ASN A 211 18.73 22.73 22.98
C ASN A 211 18.56 22.01 24.26
N SER A 212 17.58 21.13 24.36
CA SER A 212 17.38 20.43 25.62
C SER A 212 17.16 18.95 25.44
N TYR A 213 17.89 18.16 26.21
CA TYR A 213 17.86 16.73 26.08
C TYR A 213 17.16 16.06 27.24
N ASN A 214 15.99 15.48 27.03
CA ASN A 214 15.35 14.78 28.14
C ASN A 214 15.48 13.29 27.99
N VAL A 215 15.79 12.61 29.08
CA VAL A 215 15.74 11.17 29.13
C VAL A 215 14.67 10.79 30.12
N SER A 216 13.98 9.70 29.88
CA SER A 216 12.95 9.27 30.81
C SER A 216 13.09 7.77 30.97
N VAL A 217 13.10 7.30 32.21
CA VAL A 217 13.26 5.88 32.40
C VAL A 217 12.31 5.33 33.43
N ASN A 218 12.40 4.02 33.63
CA ASN A 218 11.50 3.30 34.52
C ASN A 218 12.22 2.33 35.44
N VAL A 219 12.05 2.54 36.74
CA VAL A 219 12.73 1.67 37.67
C VAL A 219 11.78 1.06 38.64
N VAL A 220 12.13 -0.15 39.00
CA VAL A 220 11.29 -0.96 39.83
C VAL A 220 12.19 -1.55 40.87
N PHE A 221 11.84 -1.27 42.14
CA PHE A 221 12.59 -1.78 43.26
C PHE A 221 11.72 -2.78 44.01
N GLU A 222 12.38 -3.71 44.70
CA GLU A 222 11.71 -4.63 45.58
C GLU A 222 11.31 -3.87 46.80
N ILE A 223 10.04 -4.02 47.16
CA ILE A 223 9.62 -3.56 48.46
C ILE A 223 10.17 -4.57 49.42
N LYS A 224 10.86 -4.07 50.44
CA LYS A 224 11.32 -4.91 51.57
C LYS A 224 12.16 -4.02 52.49
N PRO B 11 12.76 -11.64 38.17
CA PRO B 11 13.98 -11.87 37.36
C PRO B 11 14.53 -10.55 36.80
N ALA B 12 15.63 -10.02 37.35
CA ALA B 12 16.01 -8.60 37.15
C ALA B 12 16.79 -8.31 35.89
N ARG B 13 16.22 -7.44 35.05
CA ARG B 13 16.78 -7.08 33.77
C ARG B 13 16.84 -5.56 33.60
N ILE B 14 17.71 -5.11 32.69
CA ILE B 14 17.69 -3.75 32.18
C ILE B 14 17.40 -3.82 30.69
N ALA B 15 16.55 -2.91 30.22
CA ALA B 15 15.96 -2.98 28.89
C ALA B 15 16.01 -1.65 28.20
N VAL B 16 16.62 -1.64 27.02
CA VAL B 16 16.87 -0.41 26.31
C VAL B 16 16.61 -0.53 24.83
N THR B 17 16.24 0.58 24.23
CA THR B 17 16.25 0.71 22.78
C THR B 17 17.56 1.34 22.27
N GLY B 18 18.22 0.70 21.32
CA GLY B 18 19.32 1.30 20.59
C GLY B 18 18.88 1.78 19.20
N GLU B 19 19.63 2.71 18.60
CA GLU B 19 19.30 3.23 17.28
C GLU B 19 20.54 3.54 16.52
N GLY B 20 20.66 2.99 15.32
CA GLY B 20 21.82 3.21 14.49
C GLY B 20 21.64 4.39 13.54
N MET B 21 22.72 4.78 12.87
CA MET B 21 22.63 5.87 11.94
C MET B 21 23.54 5.57 10.80
N MET B 22 23.09 5.75 9.55
CA MET B 22 24.00 5.77 8.40
C MET B 22 23.55 6.61 7.20
N THR B 23 24.47 7.32 6.57
CA THR B 23 24.09 8.20 5.47
C THR B 23 24.90 7.83 4.26
N ALA B 24 24.49 8.33 3.11
CA ALA B 24 25.23 8.00 1.90
C ALA B 24 24.80 8.71 0.64
N SER B 25 25.73 8.67 -0.31
CA SER B 25 25.68 9.45 -1.51
C SER B 25 25.22 8.51 -2.61
N PRO B 26 24.20 8.95 -3.35
CA PRO B 26 23.73 8.06 -4.41
C PRO B 26 24.88 7.87 -5.36
N ASP B 27 25.22 6.63 -5.67
CA ASP B 27 26.18 6.39 -6.74
C ASP B 27 25.51 6.04 -8.05
N MET B 28 24.18 6.03 -8.07
CA MET B 28 23.42 5.58 -9.22
C MET B 28 22.41 6.56 -9.78
N ALA B 29 21.68 6.10 -10.78
CA ALA B 29 20.48 6.77 -11.24
C ALA B 29 19.71 5.63 -11.77
N ILE B 30 18.39 5.73 -11.76
CA ILE B 30 17.58 4.70 -12.39
C ILE B 30 16.47 5.40 -13.17
N LEU B 31 16.45 5.24 -14.48
CA LEU B 31 15.48 5.97 -15.29
C LEU B 31 14.22 5.14 -15.54
N ASN B 32 13.05 5.68 -15.22
CA ASN B 32 11.83 4.97 -15.53
C ASN B 32 11.20 5.59 -16.75
N LEU B 33 11.06 4.81 -17.82
CA LEU B 33 10.63 5.38 -19.10
C LEU B 33 9.44 4.66 -19.69
N SER B 34 8.70 5.36 -20.54
CA SER B 34 7.54 4.78 -21.21
C SER B 34 7.51 5.08 -22.70
N VAL B 35 7.56 4.01 -23.50
CA VAL B 35 7.33 4.09 -24.93
C VAL B 35 5.88 3.83 -25.22
N LEU B 36 5.18 4.85 -25.68
CA LEU B 36 3.83 4.62 -26.15
C LEU B 36 3.68 5.16 -27.55
N ARG B 37 3.21 4.32 -28.45
CA ARG B 37 2.88 4.75 -29.81
C ARG B 37 1.40 4.23 -30.01
N GLN B 38 0.65 4.78 -30.98
CA GLN B 38 -0.80 4.47 -31.11
C GLN B 38 -1.33 4.06 -32.51
N ALA B 39 -2.36 3.23 -32.51
CA ALA B 39 -2.91 2.67 -33.75
C ALA B 39 -4.42 2.92 -33.81
N LYS B 40 -5.06 2.56 -34.92
CA LYS B 40 -6.51 2.73 -35.04
C LYS B 40 -7.23 1.48 -34.53
N THR B 41 -6.44 0.43 -34.30
CA THR B 41 -6.90 -0.83 -33.73
C THR B 41 -5.86 -1.21 -32.68
N ALA B 42 -6.19 -2.20 -31.87
CA ALA B 42 -5.28 -2.67 -30.85
C ALA B 42 -4.23 -3.63 -31.42
N ARG B 43 -4.64 -4.55 -32.29
CA ARG B 43 -3.70 -5.56 -32.78
C ARG B 43 -2.43 -4.86 -33.25
N GLU B 44 -2.62 -3.81 -34.04
CA GLU B 44 -1.48 -3.09 -34.57
C GLU B 44 -0.99 -2.08 -33.58
N ALA B 45 -1.72 -1.96 -32.47
CA ALA B 45 -1.31 -1.06 -31.42
C ALA B 45 0.07 -1.45 -31.00
N MET B 46 0.19 -2.67 -30.49
CA MET B 46 1.45 -3.17 -29.95
C MET B 46 2.49 -3.43 -31.01
N THR B 47 2.08 -4.12 -32.07
CA THR B 47 3.04 -4.46 -33.13
C THR B 47 3.78 -3.15 -33.49
N ALA B 48 3.10 -2.01 -33.36
CA ALA B 48 3.73 -0.71 -33.54
C ALA B 48 4.55 -0.23 -32.33
N ASN B 49 4.08 -0.57 -31.14
CA ASN B 49 4.84 -0.33 -29.90
C ASN B 49 5.99 -1.32 -29.84
N ASN B 50 5.65 -2.59 -30.01
CA ASN B 50 6.63 -3.66 -29.96
C ASN B 50 7.79 -3.35 -30.89
N GLU B 51 7.48 -2.73 -32.02
CA GLU B 51 8.50 -2.33 -32.96
C GLU B 51 9.29 -1.14 -32.46
N ALA B 52 8.56 -0.06 -32.14
CA ALA B 52 9.14 1.18 -31.63
C ALA B 52 10.00 0.86 -30.43
N MET B 53 9.71 -0.28 -29.83
CA MET B 53 10.40 -0.73 -28.66
C MET B 53 11.79 -1.26 -29.00
N THR B 54 11.86 -2.41 -29.66
CA THR B 54 13.16 -3.05 -29.88
C THR B 54 14.09 -2.02 -30.49
N LYS B 55 13.52 -1.05 -31.22
CA LYS B 55 14.27 0.12 -31.71
C LYS B 55 14.89 0.88 -30.54
N VAL B 56 14.05 1.54 -29.74
CA VAL B 56 14.54 2.33 -28.58
C VAL B 56 15.43 1.52 -27.65
N LEU B 57 15.07 0.26 -27.42
CA LEU B 57 15.93 -0.63 -26.66
C LEU B 57 17.34 -0.63 -27.23
N ASP B 58 17.45 -0.81 -28.54
CA ASP B 58 18.75 -0.88 -29.23
C ASP B 58 19.56 0.40 -29.08
N ALA B 59 18.90 1.53 -29.34
CA ALA B 59 19.56 2.82 -29.28
C ALA B 59 20.36 2.92 -28.00
N MET B 60 19.82 2.25 -26.98
CA MET B 60 20.36 2.30 -25.62
C MET B 60 21.59 1.42 -25.40
N LYS B 61 21.53 0.18 -25.87
CA LYS B 61 22.65 -0.74 -25.76
C LYS B 61 23.87 -0.10 -26.47
N LYS B 62 23.61 0.53 -27.63
CA LYS B 62 24.66 1.20 -28.41
C LYS B 62 25.05 2.55 -27.82
N ALA B 63 24.09 3.24 -27.21
CA ALA B 63 24.40 4.46 -26.47
C ALA B 63 25.33 4.10 -25.30
N GLY B 64 25.58 2.81 -25.14
CA GLY B 64 26.55 2.32 -24.17
C GLY B 64 26.03 1.63 -22.93
N ILE B 65 24.77 1.23 -22.93
CA ILE B 65 24.22 0.55 -21.77
C ILE B 65 24.39 -0.97 -21.81
N GLU B 66 24.85 -1.52 -20.68
CA GLU B 66 24.99 -2.96 -20.51
C GLU B 66 23.60 -3.60 -20.48
N ASP B 67 23.52 -4.91 -20.69
CA ASP B 67 22.25 -5.64 -20.60
C ASP B 67 21.75 -5.87 -19.15
N ARG B 68 22.67 -6.03 -18.21
CA ARG B 68 22.32 -6.21 -16.80
C ARG B 68 21.56 -4.99 -16.28
N ASP B 69 21.72 -3.88 -16.99
CA ASP B 69 21.16 -2.58 -16.62
C ASP B 69 19.82 -2.25 -17.28
N LEU B 70 19.20 -3.21 -17.99
CA LEU B 70 17.89 -2.96 -18.64
C LEU B 70 16.77 -3.95 -18.34
N GLN B 71 15.54 -3.45 -18.31
CA GLN B 71 14.39 -4.28 -17.98
C GLN B 71 13.09 -3.66 -18.45
N THR B 72 12.08 -4.51 -18.59
CA THR B 72 10.81 -4.15 -19.23
C THR B 72 9.61 -4.96 -18.71
N GLY B 73 8.50 -4.91 -19.45
CA GLY B 73 7.21 -5.39 -18.96
C GLY B 73 6.31 -4.19 -18.73
N GLY B 74 5.12 -4.43 -18.17
CA GLY B 74 4.18 -3.34 -18.04
C GLY B 74 3.54 -2.84 -19.32
N ILE B 75 2.73 -3.69 -19.97
CA ILE B 75 1.93 -3.23 -21.10
C ILE B 75 0.68 -2.54 -20.58
N ASP B 76 0.22 -1.49 -21.27
CA ASP B 76 -1.02 -0.80 -20.91
C ASP B 76 -1.82 -0.40 -22.14
N ILE B 77 -3.06 -0.88 -22.25
CA ILE B 77 -3.89 -0.56 -23.41
C ILE B 77 -5.12 0.31 -23.11
N GLN B 78 -5.07 1.54 -23.57
CA GLN B 78 -6.14 2.51 -23.34
C GLN B 78 -6.82 2.97 -24.64
N PRO B 79 -8.14 2.74 -24.76
CA PRO B 79 -8.91 3.28 -25.88
C PRO B 79 -8.69 4.77 -25.99
N ILE B 80 -8.81 5.34 -27.18
CA ILE B 80 -8.69 6.77 -27.40
C ILE B 80 -9.95 7.39 -28.00
N TYR B 81 -10.61 8.30 -27.30
CA TYR B 81 -11.89 8.81 -27.76
C TYR B 81 -11.91 10.24 -28.37
N VAL B 82 -13.06 10.66 -28.91
CA VAL B 82 -13.28 12.08 -29.20
C VAL B 82 -14.43 12.61 -28.35
N TYR B 83 -14.40 13.91 -28.04
CA TYR B 83 -15.24 14.47 -26.99
C TYR B 83 -16.10 15.62 -27.58
N PRO B 84 -17.35 15.83 -27.02
CA PRO B 84 -18.30 16.84 -27.51
C PRO B 84 -17.72 18.24 -27.57
N ASP B 85 -18.16 19.05 -28.53
CA ASP B 85 -17.81 20.48 -28.61
C ASP B 85 -18.88 21.22 -29.43
N ASP B 86 -18.59 22.43 -29.94
CA ASP B 86 -19.41 23.01 -31.01
C ASP B 86 -19.12 22.31 -32.36
N LYS B 87 -20.14 21.68 -32.96
CA LYS B 87 -19.97 20.63 -34.00
C LYS B 87 -19.45 19.23 -33.58
N ASN B 88 -20.31 18.41 -32.95
CA ASN B 88 -19.98 17.00 -32.67
C ASN B 88 -21.22 16.12 -32.39
N ASN B 89 -21.02 14.82 -32.16
CA ASN B 89 -22.16 13.98 -31.71
C ASN B 89 -21.94 12.68 -30.91
N LEU B 90 -23.04 11.93 -30.76
CA LEU B 90 -23.33 11.02 -29.66
C LEU B 90 -23.42 11.85 -28.37
N LYS B 91 -23.58 13.17 -28.54
CA LYS B 91 -23.69 14.15 -27.44
C LYS B 91 -22.54 13.96 -26.45
N GLU B 92 -21.46 13.31 -26.92
CA GLU B 92 -20.52 12.57 -26.04
C GLU B 92 -19.18 12.29 -26.71
N PRO B 93 -18.31 11.53 -26.03
CA PRO B 93 -17.20 10.76 -26.62
C PRO B 93 -17.54 9.38 -27.24
N THR B 94 -16.82 9.06 -28.32
CA THR B 94 -16.82 7.73 -28.96
C THR B 94 -15.42 7.32 -29.46
N ILE B 95 -15.13 6.03 -29.38
CA ILE B 95 -13.77 5.49 -29.54
C ILE B 95 -13.19 5.54 -30.94
N THR B 96 -12.06 6.22 -31.11
CA THR B 96 -11.30 6.16 -32.37
C THR B 96 -9.96 5.39 -32.50
N GLY B 97 -9.50 4.69 -31.47
CA GLY B 97 -8.21 4.01 -31.59
C GLY B 97 -7.69 3.43 -30.29
N TYR B 98 -6.39 3.19 -30.19
CA TYR B 98 -5.79 2.73 -28.94
C TYR B 98 -4.38 3.27 -28.78
N SER B 99 -4.00 3.55 -27.54
CA SER B 99 -2.64 3.96 -27.25
C SER B 99 -1.99 2.88 -26.42
N VAL B 100 -0.83 2.40 -26.86
CA VAL B 100 -0.17 1.35 -26.12
C VAL B 100 1.20 1.77 -25.64
N SER B 101 1.45 1.55 -24.35
CA SER B 101 2.63 2.05 -23.67
C SER B 101 3.29 0.97 -22.85
N THR B 102 4.60 0.81 -23.03
CA THR B 102 5.34 -0.13 -22.21
C THR B 102 6.45 0.55 -21.44
N SER B 103 6.80 -0.04 -20.32
CA SER B 103 7.79 0.60 -19.50
C SER B 103 9.11 -0.13 -19.56
N LEU B 104 10.15 0.66 -19.76
CA LEU B 104 11.50 0.18 -19.71
C LEU B 104 12.26 1.02 -18.70
N THR B 105 12.94 0.36 -17.78
CA THR B 105 13.72 1.04 -16.77
C THR B 105 15.20 0.85 -17.11
N VAL B 106 16.01 1.86 -16.83
CA VAL B 106 17.45 1.73 -17.12
C VAL B 106 18.30 2.17 -15.93
N ARG B 107 19.26 1.31 -15.56
CA ARG B 107 20.14 1.57 -14.43
C ARG B 107 21.39 2.24 -14.96
N VAL B 108 21.55 3.51 -14.63
CA VAL B 108 22.74 4.23 -15.04
C VAL B 108 23.72 4.03 -13.92
N ARG B 109 24.79 3.26 -14.16
CA ARG B 109 25.84 3.21 -13.17
C ARG B 109 26.75 4.39 -13.47
N GLU B 110 27.78 4.62 -12.66
CA GLU B 110 28.66 5.74 -12.97
C GLU B 110 27.84 7.00 -13.08
N LEU B 111 27.39 7.49 -11.93
CA LEU B 111 26.38 8.52 -11.86
C LEU B 111 26.73 9.75 -12.70
N ALA B 112 27.99 9.92 -13.04
CA ALA B 112 28.36 11.03 -13.89
C ALA B 112 27.88 10.88 -15.37
N ASN B 113 27.35 9.70 -15.70
CA ASN B 113 26.92 9.39 -17.07
C ASN B 113 25.43 9.63 -17.36
N VAL B 114 24.70 10.06 -16.36
CA VAL B 114 23.28 10.28 -16.49
C VAL B 114 22.96 11.33 -17.52
N GLY B 115 23.78 12.37 -17.58
CA GLY B 115 23.56 13.41 -18.55
C GLY B 115 23.53 12.83 -19.95
N LYS B 116 24.60 12.14 -20.36
CA LYS B 116 24.68 11.56 -21.70
C LYS B 116 23.40 10.72 -21.89
N ILE B 117 23.13 9.85 -20.94
CA ILE B 117 22.03 8.90 -21.07
C ILE B 117 20.63 9.49 -20.87
N LEU B 118 20.53 10.67 -20.26
CA LEU B 118 19.24 11.33 -20.03
C LEU B 118 18.74 12.01 -21.28
N ASP B 119 19.53 12.96 -21.77
CA ASP B 119 19.26 13.71 -22.99
C ASP B 119 18.96 12.79 -24.16
N GLU B 120 19.80 11.80 -24.40
CA GLU B 120 19.56 10.89 -25.51
C GLU B 120 18.15 10.28 -25.43
N SER B 121 17.55 10.30 -24.24
CA SER B 121 16.17 9.80 -24.06
C SER B 121 15.12 10.78 -24.52
N VAL B 122 15.24 12.04 -24.12
CA VAL B 122 14.31 13.07 -24.55
C VAL B 122 14.26 13.10 -26.08
N THR B 123 15.33 12.63 -26.71
CA THR B 123 15.42 12.65 -28.16
C THR B 123 15.04 11.33 -28.85
N LEU B 124 14.64 10.34 -28.06
CA LEU B 124 14.05 9.12 -28.62
C LEU B 124 12.54 9.20 -28.55
N GLY B 125 12.07 10.36 -28.08
CA GLY B 125 10.67 10.60 -27.85
C GLY B 125 10.10 9.80 -26.69
N VAL B 126 10.98 9.25 -25.86
CA VAL B 126 10.54 8.32 -24.83
C VAL B 126 9.81 9.02 -23.70
N ASN B 127 10.51 9.83 -22.92
CA ASN B 127 9.78 10.71 -22.00
C ASN B 127 10.47 11.94 -21.36
N GLN B 128 9.62 12.83 -20.86
CA GLN B 128 10.00 14.08 -20.17
C GLN B 128 10.09 13.92 -18.65
N GLY B 129 9.95 12.68 -18.22
CA GLY B 129 10.14 12.22 -16.86
C GLY B 129 11.58 11.82 -16.60
N GLY B 130 11.78 10.78 -15.79
CA GLY B 130 13.11 10.40 -15.38
C GLY B 130 13.45 11.32 -14.23
N ASP B 131 12.42 11.59 -13.43
CA ASP B 131 12.51 12.53 -12.32
C ASP B 131 13.53 11.97 -11.34
N LEU B 132 14.03 12.80 -10.44
CA LEU B 132 15.17 12.38 -9.62
C LEU B 132 14.81 11.04 -8.99
N ASN B 133 15.57 10.02 -9.34
CA ASN B 133 15.51 8.75 -8.64
C ASN B 133 16.92 8.20 -8.64
N LEU B 134 17.54 8.11 -7.48
CA LEU B 134 18.94 7.71 -7.39
C LEU B 134 19.12 6.85 -6.17
N VAL B 135 19.75 5.70 -6.30
CA VAL B 135 20.04 4.91 -5.10
C VAL B 135 21.50 4.59 -4.99
N ASN B 136 21.85 3.84 -3.96
CA ASN B 136 23.17 3.24 -3.88
C ASN B 136 22.86 1.79 -4.12
N ASP B 137 23.62 1.09 -4.94
CA ASP B 137 23.24 -0.31 -5.20
C ASP B 137 23.96 -1.41 -4.39
N ASN B 138 24.77 -1.01 -3.43
CA ASN B 138 25.11 -1.94 -2.37
C ASN B 138 24.68 -1.36 -1.02
N PRO B 139 23.37 -1.16 -0.81
CA PRO B 139 22.87 -0.63 0.48
C PRO B 139 22.96 -1.66 1.59
N SER B 140 22.83 -2.95 1.25
CA SER B 140 22.85 -3.99 2.26
C SER B 140 24.02 -3.76 3.21
N ALA B 141 25.14 -3.36 2.64
CA ALA B 141 26.37 -3.16 3.40
C ALA B 141 26.26 -2.03 4.40
N VAL B 142 25.45 -1.02 4.07
CA VAL B 142 25.24 0.16 4.88
C VAL B 142 24.30 -0.05 6.02
N ILE B 143 23.18 -0.67 5.72
CA ILE B 143 22.24 -1.06 6.73
C ILE B 143 23.06 -1.77 7.75
N ASN B 144 23.68 -2.87 7.33
CA ASN B 144 24.38 -3.73 8.26
C ASN B 144 25.25 -2.94 9.26
N GLU B 145 25.93 -1.89 8.82
CA GLU B 145 26.64 -1.08 9.80
C GLU B 145 25.65 -0.47 10.75
N ALA B 146 24.67 0.23 10.19
CA ALA B 146 23.68 0.95 10.97
C ALA B 146 23.15 0.08 12.09
N ARG B 147 22.96 -1.19 11.78
CA ARG B 147 22.55 -2.20 12.75
C ARG B 147 23.55 -2.22 13.88
N LYS B 148 24.81 -2.47 13.51
CA LYS B 148 25.86 -2.66 14.50
C LYS B 148 25.96 -1.46 15.44
N ARG B 149 25.72 -0.26 14.92
CA ARG B 149 25.78 0.93 15.74
C ARG B 149 24.63 0.85 16.70
N ALA B 150 23.49 0.44 16.15
CA ALA B 150 22.25 0.34 16.90
C ALA B 150 22.48 -0.51 18.13
N VAL B 151 22.77 -1.78 17.94
CA VAL B 151 22.93 -2.70 19.06
C VAL B 151 24.06 -2.21 19.91
N ALA B 152 25.18 -1.94 19.26
CA ALA B 152 26.33 -1.42 19.97
C ALA B 152 25.98 -0.18 20.80
N ASN B 153 25.11 0.66 20.24
CA ASN B 153 24.62 1.84 20.95
C ASN B 153 23.76 1.43 22.15
N ALA B 154 22.98 0.38 22.00
CA ALA B 154 22.07 0.01 23.07
C ALA B 154 22.94 -0.40 24.21
N ILE B 155 23.97 -1.18 23.92
CA ILE B 155 24.89 -1.58 24.97
C ILE B 155 25.37 -0.36 25.74
N ALA B 156 25.63 0.74 25.05
CA ALA B 156 26.10 1.94 25.75
C ALA B 156 25.11 2.41 26.82
N LYS B 157 23.86 2.64 26.40
CA LYS B 157 22.78 3.01 27.33
C LYS B 157 22.78 2.06 28.51
N ALA B 158 22.83 0.78 28.21
CA ALA B 158 22.68 -0.24 29.20
C ALA B 158 23.65 -0.02 30.30
N LYS B 159 24.89 0.15 29.86
CA LYS B 159 26.02 0.27 30.74
C LYS B 159 25.87 1.56 31.54
N THR B 160 25.44 2.61 30.87
CA THR B 160 25.14 3.87 31.57
C THR B 160 24.18 3.60 32.71
N LEU B 161 22.96 3.17 32.38
CA LEU B 161 21.91 2.99 33.37
C LEU B 161 22.31 2.21 34.61
N ALA B 162 23.10 1.14 34.42
CA ALA B 162 23.47 0.20 35.49
C ALA B 162 24.48 0.75 36.48
N ASP B 163 25.36 1.64 36.05
CA ASP B 163 26.17 2.37 37.02
C ASP B 163 25.26 3.36 37.71
N ALA B 164 24.60 4.21 36.92
CA ALA B 164 23.79 5.27 37.50
C ALA B 164 22.85 4.73 38.61
N ALA B 165 22.48 3.46 38.50
CA ALA B 165 21.77 2.77 39.58
C ALA B 165 22.68 1.89 40.39
N GLY B 166 23.96 1.84 40.03
CA GLY B 166 24.91 1.07 40.81
C GLY B 166 24.65 -0.42 40.88
N VAL B 167 24.48 -1.03 39.71
CA VAL B 167 24.18 -2.45 39.57
C VAL B 167 25.03 -2.97 38.44
N GLY B 168 25.22 -4.27 38.38
CA GLY B 168 26.01 -4.83 37.28
C GLY B 168 25.31 -5.17 35.96
N LEU B 169 25.95 -4.86 34.85
CA LEU B 169 25.39 -5.22 33.56
C LEU B 169 25.79 -6.65 33.23
N GLY B 170 24.80 -7.52 33.05
CA GLY B 170 25.03 -8.92 32.75
C GLY B 170 24.89 -9.40 31.30
N ARG B 171 24.62 -10.69 31.17
CA ARG B 171 24.51 -11.35 29.86
C ARG B 171 23.34 -10.76 29.09
N VAL B 172 23.34 -10.94 27.78
CA VAL B 172 22.27 -10.40 26.96
C VAL B 172 21.18 -11.45 26.82
N VAL B 173 20.02 -11.23 27.43
CA VAL B 173 18.93 -12.21 27.35
C VAL B 173 17.96 -12.13 26.19
N GLU B 174 17.67 -10.93 25.71
CA GLU B 174 16.84 -10.76 24.54
C GLU B 174 17.29 -9.61 23.66
N ILE B 175 17.55 -9.86 22.38
CA ILE B 175 17.61 -8.75 21.41
C ILE B 175 16.39 -8.90 20.55
N SER B 176 15.80 -7.79 20.12
CA SER B 176 14.64 -7.88 19.24
C SER B 176 14.67 -6.80 18.19
N GLU B 177 14.55 -7.15 16.93
CA GLU B 177 14.18 -6.13 15.97
C GLU B 177 12.85 -6.50 15.29
N LEU B 178 11.75 -6.02 15.84
CA LEU B 178 10.42 -6.34 15.31
C LEU B 178 9.90 -5.20 14.46
N SER B 179 10.79 -4.25 14.25
CA SER B 179 10.50 -3.03 13.54
C SER B 179 10.48 -3.22 12.03
N ARG B 180 9.66 -2.39 11.40
CA ARG B 180 9.59 -2.35 9.97
C ARG B 180 10.95 -1.88 9.49
N PRO B 181 11.64 -2.74 8.71
CA PRO B 181 13.00 -2.55 8.18
C PRO B 181 13.12 -1.22 7.43
N PRO B 182 14.35 -0.75 7.24
CA PRO B 182 14.78 0.61 6.82
C PRO B 182 14.74 0.96 5.33
N MET B 183 13.64 1.43 4.78
CA MET B 183 13.72 2.00 3.45
C MET B 183 14.75 3.13 3.55
N PRO B 184 15.49 3.41 2.46
CA PRO B 184 16.51 4.45 2.49
C PRO B 184 15.89 5.82 2.47
N MET B 185 16.68 6.82 2.85
CA MET B 185 16.16 8.16 3.13
C MET B 185 16.68 9.34 2.29
N PRO B 186 16.05 9.61 1.15
CA PRO B 186 16.36 10.97 0.70
C PRO B 186 16.10 11.94 1.87
N ILE B 187 16.95 12.94 1.99
CA ILE B 187 16.86 13.88 3.10
C ILE B 187 16.16 15.18 2.67
N ALA B 188 14.92 15.37 3.13
CA ALA B 188 14.02 16.41 2.63
C ALA B 188 14.31 17.81 3.16
N ARG B 189 13.39 18.75 2.90
CA ARG B 189 13.59 20.14 3.28
C ARG B 189 13.44 20.33 4.80
N GLY B 190 12.22 20.15 5.29
CA GLY B 190 11.91 20.30 6.71
C GLY B 190 12.28 19.09 7.54
N GLN B 191 12.71 18.03 6.87
CA GLN B 191 13.20 16.82 7.53
C GLN B 191 14.65 17.13 7.82
N PHE B 192 14.99 18.41 7.62
CA PHE B 192 16.33 18.94 7.77
C PHE B 192 17.11 18.56 9.03
N ARG B 193 16.73 19.12 10.18
CA ARG B 193 17.55 18.96 11.37
C ARG B 193 17.42 17.58 11.99
N THR B 194 16.32 16.91 11.72
CA THR B 194 16.04 15.62 12.36
C THR B 194 17.31 14.78 12.29
N MET B 195 17.92 14.78 11.11
CA MET B 195 19.10 13.99 10.87
C MET B 195 20.25 14.61 11.61
N LEU B 196 20.48 15.90 11.38
CA LEU B 196 21.54 16.62 12.06
C LEU B 196 21.49 16.21 13.53
N ALA B 197 20.34 16.50 14.17
CA ALA B 197 20.08 16.09 15.54
C ALA B 197 20.43 14.62 15.78
N ALA B 198 19.96 13.76 14.90
CA ALA B 198 20.02 12.30 15.10
C ALA B 198 21.30 11.62 14.58
N ALA B 199 22.26 12.41 14.10
CA ALA B 199 23.52 11.88 13.57
C ALA B 199 24.51 11.49 14.65
N PRO B 200 25.50 10.67 14.30
CA PRO B 200 26.54 10.20 15.21
C PRO B 200 27.57 11.26 15.50
N ASP B 201 28.17 11.18 16.68
CA ASP B 201 29.15 12.16 17.13
C ASP B 201 30.55 11.89 16.55
N ASN B 202 31.37 12.93 16.49
CA ASN B 202 32.75 12.82 15.99
C ASN B 202 32.84 12.08 14.64
N SER B 203 32.25 12.69 13.60
CA SER B 203 32.28 12.12 12.25
C SER B 203 32.13 13.22 11.20
N VAL B 204 32.17 12.85 9.92
CA VAL B 204 32.03 13.82 8.83
C VAL B 204 30.55 14.07 8.53
N PRO B 205 30.19 15.33 8.22
CA PRO B 205 28.82 15.81 8.09
C PRO B 205 27.94 15.11 7.04
N ILE B 206 26.75 15.66 6.92
CA ILE B 206 25.68 15.08 6.13
C ILE B 206 25.13 16.15 5.14
N ALA B 207 24.43 15.73 4.10
CA ALA B 207 23.82 16.71 3.18
C ALA B 207 22.61 16.21 2.39
N ALA B 208 21.76 17.13 1.94
CA ALA B 208 20.54 16.76 1.25
C ALA B 208 20.83 15.85 0.07
N GLY B 209 19.88 14.97 -0.27
CA GLY B 209 20.01 14.11 -1.43
C GLY B 209 20.83 12.90 -1.07
N GLU B 210 21.22 12.86 0.20
CA GLU B 210 21.94 11.75 0.77
C GLU B 210 20.86 10.78 1.23
N ASN B 211 21.08 9.51 1.02
CA ASN B 211 20.20 8.51 1.57
C ASN B 211 20.68 8.17 2.96
N SER B 212 19.76 7.94 3.88
CA SER B 212 20.15 7.61 5.25
C SER B 212 19.30 6.52 5.87
N TYR B 213 19.97 5.55 6.46
CA TYR B 213 19.35 4.32 6.89
C TYR B 213 19.42 4.20 8.39
N ASN B 214 18.27 4.21 9.07
CA ASN B 214 18.28 4.03 10.52
C ASN B 214 17.81 2.65 10.95
N VAL B 215 18.03 2.31 12.21
CA VAL B 215 17.69 0.98 12.72
C VAL B 215 17.38 1.13 14.19
N SER B 216 16.34 0.47 14.68
CA SER B 216 16.07 0.54 16.10
C SER B 216 16.02 -0.86 16.51
N VAL B 217 16.56 -1.15 17.69
CA VAL B 217 16.74 -2.51 18.15
C VAL B 217 16.43 -2.46 19.62
N ASN B 218 15.92 -3.55 20.19
CA ASN B 218 15.73 -3.63 21.64
C ASN B 218 16.65 -4.66 22.27
N VAL B 219 17.43 -4.23 23.27
CA VAL B 219 18.23 -5.18 24.03
C VAL B 219 17.93 -5.22 25.52
N VAL B 220 17.99 -6.42 26.06
CA VAL B 220 17.66 -6.67 27.45
C VAL B 220 18.70 -7.55 28.11
N PHE B 221 19.37 -6.99 29.12
CA PHE B 221 20.48 -7.66 29.79
C PHE B 221 19.95 -8.00 31.17
N GLU B 222 20.41 -9.10 31.77
CA GLU B 222 20.08 -9.36 33.17
C GLU B 222 21.01 -8.59 34.12
N ILE B 223 20.49 -8.15 35.29
CA ILE B 223 21.28 -7.38 36.27
C ILE B 223 22.19 -8.22 37.17
N LYS B 224 23.31 -7.61 37.56
CA LYS B 224 24.39 -8.22 38.38
C LYS B 224 25.52 -8.73 37.47
N PRO C 11 13.71 -17.57 29.07
CA PRO C 11 14.72 -18.12 28.15
C PRO C 11 15.38 -16.98 27.32
N ALA C 12 16.48 -17.27 26.60
CA ALA C 12 17.10 -16.21 25.79
C ALA C 12 16.92 -16.42 24.32
N ARG C 13 16.49 -15.36 23.66
CA ARG C 13 15.99 -15.48 22.32
C ARG C 13 16.26 -14.17 21.63
N ILE C 14 16.56 -14.23 20.34
CA ILE C 14 16.63 -13.00 19.56
C ILE C 14 15.62 -13.12 18.47
N ALA C 15 14.75 -12.11 18.39
CA ALA C 15 13.55 -12.15 17.57
C ALA C 15 13.45 -11.00 16.59
N VAL C 16 13.41 -11.36 15.33
CA VAL C 16 13.36 -10.41 14.25
C VAL C 16 12.26 -10.75 13.24
N THR C 17 12.00 -9.78 12.38
CA THR C 17 11.09 -9.94 11.29
C THR C 17 11.94 -9.77 10.07
N GLY C 18 11.48 -10.32 8.97
CA GLY C 18 12.19 -10.15 7.75
C GLY C 18 11.17 -10.29 6.68
N GLU C 19 11.43 -9.68 5.53
CA GLU C 19 10.59 -9.88 4.37
C GLU C 19 11.46 -9.74 3.20
N GLY C 20 11.01 -10.34 2.11
CA GLY C 20 11.79 -10.42 0.91
C GLY C 20 10.67 -10.24 -0.05
N MET C 21 10.98 -9.96 -1.29
CA MET C 21 9.91 -9.73 -2.19
C MET C 21 10.37 -9.98 -3.61
N MET C 22 9.38 -10.12 -4.48
CA MET C 22 9.57 -10.69 -5.80
C MET C 22 8.71 -9.97 -6.82
N THR C 23 9.27 -9.59 -7.97
CA THR C 23 8.51 -8.90 -9.02
C THR C 23 8.52 -9.66 -10.33
N ALA C 24 7.40 -9.73 -11.04
CA ALA C 24 7.37 -10.34 -12.38
C ALA C 24 6.41 -9.69 -13.37
N SER C 25 6.94 -9.41 -14.57
CA SER C 25 6.14 -8.95 -15.70
C SER C 25 5.14 -10.04 -16.10
N PRO C 26 3.90 -9.64 -16.42
CA PRO C 26 2.73 -10.51 -16.55
C PRO C 26 2.71 -11.42 -17.79
N ASP C 27 2.16 -12.62 -17.59
CA ASP C 27 2.03 -13.72 -18.56
C ASP C 27 0.75 -13.72 -19.37
N MET C 28 -0.24 -12.98 -18.93
CA MET C 28 -1.59 -13.22 -19.40
C MET C 28 -2.40 -11.96 -19.43
N ALA C 29 -3.64 -12.06 -19.85
CA ALA C 29 -4.54 -10.94 -19.75
C ALA C 29 -5.92 -11.48 -19.57
N ILE C 30 -6.69 -10.95 -18.65
CA ILE C 30 -8.02 -11.48 -18.46
C ILE C 30 -9.04 -10.41 -18.73
N LEU C 31 -9.94 -10.70 -19.64
CA LEU C 31 -10.93 -9.72 -20.00
C LEU C 31 -12.24 -10.02 -19.30
N ASN C 32 -12.82 -8.98 -18.69
CA ASN C 32 -14.20 -9.09 -18.28
C ASN C 32 -15.04 -8.41 -19.31
N LEU C 33 -15.83 -9.22 -20.01
CA LEU C 33 -16.63 -8.77 -21.13
C LEU C 33 -18.08 -9.12 -20.87
N SER C 34 -18.97 -8.31 -21.43
CA SER C 34 -20.40 -8.50 -21.24
C SER C 34 -21.25 -8.28 -22.49
N VAL C 35 -22.50 -8.74 -22.39
CA VAL C 35 -23.44 -8.77 -23.51
C VAL C 35 -24.66 -7.85 -23.41
N LEU C 36 -24.69 -6.78 -24.21
CA LEU C 36 -25.89 -5.97 -24.22
C LEU C 36 -26.86 -6.65 -25.17
N ARG C 37 -27.99 -7.07 -24.63
CA ARG C 37 -29.18 -7.36 -25.44
C ARG C 37 -30.40 -7.04 -24.54
N GLN C 38 -31.45 -6.47 -25.14
CA GLN C 38 -32.58 -5.99 -24.38
C GLN C 38 -33.81 -6.12 -25.26
N ALA C 39 -34.94 -6.50 -24.67
CA ALA C 39 -36.13 -6.65 -25.47
C ALA C 39 -37.42 -6.55 -24.66
N LYS C 40 -38.46 -6.01 -25.28
CA LYS C 40 -39.50 -5.32 -24.53
C LYS C 40 -40.32 -6.09 -23.47
N THR C 41 -40.03 -7.38 -23.32
CA THR C 41 -40.25 -8.01 -22.02
C THR C 41 -39.07 -8.87 -21.59
N ALA C 42 -39.12 -9.31 -20.32
CA ALA C 42 -38.01 -10.01 -19.68
C ALA C 42 -37.68 -11.34 -20.33
N ARG C 43 -38.70 -12.16 -20.48
CA ARG C 43 -38.56 -13.48 -21.06
C ARG C 43 -37.75 -13.46 -22.36
N GLU C 44 -38.11 -12.64 -23.33
CA GLU C 44 -37.34 -12.64 -24.59
C GLU C 44 -36.11 -11.78 -24.46
N ALA C 45 -35.98 -11.17 -23.29
CA ALA C 45 -34.81 -10.40 -22.99
C ALA C 45 -33.68 -11.37 -22.83
N MET C 46 -33.87 -12.34 -21.92
CA MET C 46 -32.84 -13.34 -21.65
C MET C 46 -32.63 -14.18 -22.90
N THR C 47 -33.72 -14.65 -23.49
CA THR C 47 -33.66 -15.41 -24.74
C THR C 47 -32.71 -14.72 -25.72
N ALA C 48 -33.10 -13.53 -26.14
CA ALA C 48 -32.29 -12.72 -27.04
C ALA C 48 -30.84 -12.56 -26.54
N ASN C 49 -30.66 -12.60 -25.24
CA ASN C 49 -29.33 -12.62 -24.66
C ASN C 49 -28.69 -13.97 -24.93
N ASN C 50 -29.29 -15.01 -24.33
CA ASN C 50 -28.74 -16.35 -24.34
C ASN C 50 -28.24 -16.55 -25.75
N GLU C 51 -29.00 -16.01 -26.70
CA GLU C 51 -28.71 -16.22 -28.11
C GLU C 51 -27.49 -15.43 -28.58
N ALA C 52 -27.46 -14.14 -28.27
CA ALA C 52 -26.41 -13.27 -28.81
C ALA C 52 -25.11 -13.59 -28.12
N MET C 53 -25.24 -14.36 -27.05
CA MET C 53 -24.13 -14.87 -26.27
C MET C 53 -23.42 -16.01 -27.00
N THR C 54 -24.14 -17.11 -27.14
CA THR C 54 -23.64 -18.31 -27.78
C THR C 54 -23.10 -17.93 -29.15
N LYS C 55 -23.70 -16.91 -29.78
CA LYS C 55 -23.12 -16.23 -30.95
C LYS C 55 -21.64 -15.94 -30.63
N VAL C 56 -21.39 -15.12 -29.61
CA VAL C 56 -20.05 -14.60 -29.39
C VAL C 56 -19.09 -15.71 -29.05
N LEU C 57 -19.52 -16.62 -28.19
CA LEU C 57 -18.71 -17.73 -27.79
C LEU C 57 -18.09 -18.41 -28.99
N ASP C 58 -18.93 -18.96 -29.87
CA ASP C 58 -18.45 -19.65 -31.08
C ASP C 58 -17.38 -18.80 -31.76
N ALA C 59 -17.64 -17.49 -31.76
CA ALA C 59 -16.72 -16.50 -32.28
C ALA C 59 -15.40 -16.48 -31.54
N MET C 60 -15.47 -16.71 -30.23
CA MET C 60 -14.27 -16.65 -29.42
C MET C 60 -13.43 -17.90 -29.61
N LYS C 61 -14.13 -19.04 -29.57
CA LYS C 61 -13.47 -20.32 -29.69
C LYS C 61 -12.79 -20.29 -31.04
N LYS C 62 -13.56 -20.11 -32.11
CA LYS C 62 -12.98 -20.12 -33.45
C LYS C 62 -11.82 -19.13 -33.53
N ALA C 63 -11.91 -18.09 -32.73
CA ALA C 63 -10.92 -17.02 -32.71
C ALA C 63 -9.59 -17.45 -32.09
N GLY C 64 -9.54 -18.68 -31.57
CA GLY C 64 -8.33 -19.18 -30.93
C GLY C 64 -8.24 -19.56 -29.45
N ILE C 65 -9.29 -19.37 -28.66
CA ILE C 65 -9.09 -19.74 -27.28
C ILE C 65 -10.01 -20.82 -26.73
N GLU C 66 -9.51 -21.49 -25.69
CA GLU C 66 -10.04 -22.76 -25.22
C GLU C 66 -11.22 -22.60 -24.29
N ASP C 67 -11.82 -23.72 -23.91
CA ASP C 67 -12.95 -23.70 -23.01
C ASP C 67 -12.47 -23.50 -21.57
N ARG C 68 -11.35 -24.13 -21.22
CA ARG C 68 -10.80 -24.00 -19.87
C ARG C 68 -10.45 -22.55 -19.72
N ASP C 69 -10.20 -21.93 -20.86
CA ASP C 69 -9.69 -20.59 -20.94
C ASP C 69 -10.79 -19.53 -21.10
N LEU C 70 -12.06 -19.91 -21.01
CA LEU C 70 -13.09 -18.90 -20.92
C LEU C 70 -14.32 -19.37 -20.16
N GLN C 71 -14.86 -18.49 -19.32
CA GLN C 71 -15.97 -18.81 -18.40
C GLN C 71 -16.95 -17.63 -18.20
N THR C 72 -18.10 -17.95 -17.61
CA THR C 72 -19.28 -17.08 -17.55
C THR C 72 -20.15 -17.33 -16.33
N GLY C 73 -21.38 -16.84 -16.41
CA GLY C 73 -22.35 -16.99 -15.35
C GLY C 73 -22.71 -15.67 -14.67
N GLY C 74 -23.85 -15.69 -14.00
CA GLY C 74 -24.37 -14.54 -13.28
C GLY C 74 -25.10 -13.65 -14.27
N ILE C 75 -26.21 -13.07 -13.82
CA ILE C 75 -27.05 -12.36 -14.76
C ILE C 75 -27.92 -11.30 -14.05
N ASP C 76 -28.16 -10.17 -14.72
CA ASP C 76 -29.11 -9.19 -14.18
C ASP C 76 -29.96 -8.52 -15.26
N ILE C 77 -31.24 -8.49 -14.99
CA ILE C 77 -32.22 -7.87 -15.84
C ILE C 77 -32.56 -6.55 -15.19
N GLN C 78 -32.14 -5.44 -15.77
CA GLN C 78 -32.60 -4.16 -15.25
C GLN C 78 -33.71 -3.54 -16.11
N PRO C 79 -34.85 -3.16 -15.48
CA PRO C 79 -35.93 -2.44 -16.17
C PRO C 79 -35.40 -1.23 -16.93
N ILE C 80 -35.91 -1.00 -18.13
CA ILE C 80 -35.49 0.09 -18.99
C ILE C 80 -36.58 1.16 -18.98
N TYR C 81 -36.26 2.45 -18.89
CA TYR C 81 -37.33 3.41 -18.67
C TYR C 81 -37.55 4.55 -19.67
N VAL C 82 -38.65 5.26 -19.46
CA VAL C 82 -38.88 6.58 -20.02
C VAL C 82 -39.15 7.45 -18.82
N TYR C 83 -38.47 8.60 -18.81
CA TYR C 83 -38.45 9.51 -17.69
C TYR C 83 -39.10 10.77 -18.21
N PRO C 84 -39.60 11.62 -17.31
CA PRO C 84 -40.23 12.85 -17.75
C PRO C 84 -39.35 13.80 -18.52
N ASP C 85 -39.97 14.46 -19.50
CA ASP C 85 -39.39 15.61 -20.19
C ASP C 85 -40.52 16.45 -20.78
N ASP C 86 -40.14 17.32 -21.73
CA ASP C 86 -41.09 18.02 -22.63
C ASP C 86 -42.10 17.07 -23.30
N LYS C 87 -43.36 17.47 -23.36
CA LYS C 87 -44.43 16.64 -23.91
C LYS C 87 -44.44 15.32 -23.16
N ASN C 88 -43.88 15.30 -21.98
CA ASN C 88 -44.12 14.17 -21.15
C ASN C 88 -45.05 14.68 -20.11
N ASN C 89 -46.30 14.27 -20.24
CA ASN C 89 -47.26 14.63 -19.24
C ASN C 89 -47.22 13.55 -18.21
N LEU C 90 -46.29 12.62 -18.39
CA LEU C 90 -45.92 11.74 -17.30
C LEU C 90 -45.14 12.57 -16.30
N LYS C 91 -45.53 12.40 -15.05
CA LYS C 91 -44.92 13.06 -13.92
C LYS C 91 -43.77 12.23 -13.42
N GLU C 92 -43.76 10.95 -13.78
CA GLU C 92 -42.74 10.02 -13.30
C GLU C 92 -42.85 8.61 -13.85
N PRO C 93 -41.67 7.99 -14.11
CA PRO C 93 -41.28 6.87 -14.97
C PRO C 93 -42.10 5.61 -14.96
N THR C 94 -42.15 5.06 -16.16
CA THR C 94 -42.82 3.82 -16.47
C THR C 94 -41.76 2.93 -17.08
N ILE C 95 -42.12 1.69 -17.36
CA ILE C 95 -41.14 0.69 -17.67
C ILE C 95 -41.32 0.23 -19.10
N THR C 96 -40.45 0.65 -20.00
CA THR C 96 -40.65 0.34 -21.42
C THR C 96 -39.94 -0.91 -21.99
N GLY C 97 -39.35 -1.74 -21.13
CA GLY C 97 -38.63 -2.91 -21.61
C GLY C 97 -37.71 -3.50 -20.55
N TYR C 98 -36.74 -4.31 -20.98
CA TYR C 98 -35.67 -4.77 -20.12
C TYR C 98 -34.42 -4.98 -20.88
N SER C 99 -33.33 -4.59 -20.26
CA SER C 99 -32.04 -4.94 -20.77
C SER C 99 -31.60 -6.06 -19.87
N VAL C 100 -31.28 -7.20 -20.47
CA VAL C 100 -30.57 -8.25 -19.76
C VAL C 100 -29.19 -8.38 -20.31
N SER C 101 -28.23 -8.43 -19.41
CA SER C 101 -26.90 -8.70 -19.86
C SER C 101 -26.21 -9.58 -18.86
N THR C 102 -25.36 -10.45 -19.40
CA THR C 102 -24.42 -11.19 -18.58
C THR C 102 -23.04 -11.10 -19.17
N SER C 103 -22.11 -11.69 -18.42
CA SER C 103 -20.69 -11.38 -18.54
C SER C 103 -19.93 -12.65 -18.71
N LEU C 104 -18.81 -12.54 -19.41
CA LEU C 104 -18.02 -13.67 -19.78
C LEU C 104 -16.59 -13.25 -19.68
N THR C 105 -15.79 -14.08 -19.05
CA THR C 105 -14.40 -13.78 -18.82
C THR C 105 -13.55 -14.41 -19.88
N VAL C 106 -12.53 -13.72 -20.33
CA VAL C 106 -11.75 -14.31 -21.38
C VAL C 106 -10.29 -14.30 -20.99
N ARG C 107 -9.79 -15.50 -20.74
CA ARG C 107 -8.43 -15.71 -20.29
C ARG C 107 -7.53 -15.76 -21.52
N VAL C 108 -6.62 -14.81 -21.66
CA VAL C 108 -5.78 -14.82 -22.83
C VAL C 108 -4.37 -15.13 -22.41
N ARG C 109 -3.97 -16.39 -22.62
CA ARG C 109 -2.61 -16.81 -22.38
C ARG C 109 -1.91 -16.37 -23.63
N GLU C 110 -0.61 -16.15 -23.58
CA GLU C 110 0.05 -15.72 -24.81
C GLU C 110 -0.28 -14.29 -25.26
N LEU C 111 0.43 -13.34 -24.67
CA LEU C 111 0.24 -11.92 -24.93
C LEU C 111 0.05 -11.50 -26.38
N ALA C 112 1.01 -11.68 -27.27
CA ALA C 112 0.88 -10.93 -28.54
C ALA C 112 -0.48 -11.18 -29.22
N ASN C 113 -1.24 -12.15 -28.69
CA ASN C 113 -2.65 -12.36 -29.07
C ASN C 113 -3.66 -11.30 -28.56
N VAL C 114 -3.34 -10.64 -27.46
CA VAL C 114 -4.32 -9.81 -26.76
C VAL C 114 -5.02 -8.77 -27.64
N GLY C 115 -4.25 -8.13 -28.51
CA GLY C 115 -4.82 -7.17 -29.43
C GLY C 115 -5.83 -7.86 -30.34
N LYS C 116 -5.41 -8.89 -31.07
CA LYS C 116 -6.32 -9.55 -32.02
C LYS C 116 -7.60 -9.91 -31.30
N ILE C 117 -7.49 -10.36 -30.05
CA ILE C 117 -8.69 -10.80 -29.37
C ILE C 117 -9.52 -9.66 -28.76
N LEU C 118 -8.84 -8.60 -28.31
CA LEU C 118 -9.55 -7.43 -27.78
C LEU C 118 -10.41 -6.77 -28.86
N ASP C 119 -9.79 -6.55 -30.01
CA ASP C 119 -10.45 -5.99 -31.19
C ASP C 119 -11.58 -6.86 -31.69
N GLU C 120 -11.74 -8.05 -31.13
CA GLU C 120 -12.97 -8.77 -31.40
C GLU C 120 -13.98 -8.39 -30.34
N SER C 121 -13.51 -7.81 -29.24
CA SER C 121 -14.42 -7.31 -28.22
C SER C 121 -15.01 -5.99 -28.64
N VAL C 122 -14.18 -5.17 -29.28
CA VAL C 122 -14.65 -4.11 -30.17
C VAL C 122 -15.67 -4.71 -31.14
N THR C 123 -15.20 -5.50 -32.09
CA THR C 123 -16.04 -5.82 -33.23
C THR C 123 -17.44 -6.22 -32.84
N LEU C 124 -17.58 -7.41 -32.30
CA LEU C 124 -18.87 -8.07 -32.41
C LEU C 124 -19.98 -7.61 -31.48
N GLY C 125 -19.64 -6.95 -30.39
CA GLY C 125 -20.55 -6.92 -29.26
C GLY C 125 -19.81 -6.32 -28.12
N VAL C 126 -20.08 -6.82 -26.92
CA VAL C 126 -19.16 -6.56 -25.81
C VAL C 126 -19.22 -5.13 -25.31
N ASN C 127 -18.09 -4.44 -25.35
CA ASN C 127 -17.93 -3.26 -24.55
C ASN C 127 -16.51 -2.75 -24.61
N GLN C 128 -16.30 -1.55 -24.07
CA GLN C 128 -15.00 -1.18 -23.56
C GLN C 128 -14.59 -2.21 -22.51
N GLY C 129 -13.31 -2.52 -22.44
CA GLY C 129 -12.86 -3.39 -21.39
C GLY C 129 -11.45 -3.84 -21.63
N GLY C 130 -11.15 -4.96 -20.99
CA GLY C 130 -9.83 -5.54 -20.84
C GLY C 130 -9.29 -4.86 -19.61
N ASP C 131 -9.78 -3.63 -19.42
CA ASP C 131 -9.63 -2.80 -18.21
C ASP C 131 -8.25 -2.98 -17.62
N LEU C 132 -7.28 -3.20 -18.50
CA LEU C 132 -5.91 -3.56 -18.14
C LEU C 132 -5.79 -4.69 -17.08
N ASN C 133 -6.29 -5.88 -17.37
CA ASN C 133 -6.10 -6.98 -16.42
C ASN C 133 -4.98 -7.85 -16.89
N LEU C 134 -3.86 -7.81 -16.19
CA LEU C 134 -2.76 -8.73 -16.45
C LEU C 134 -2.42 -9.52 -15.20
N VAL C 135 -1.76 -10.66 -15.36
CA VAL C 135 -1.28 -11.44 -14.23
C VAL C 135 -0.11 -12.24 -14.69
N ASN C 136 0.32 -13.18 -13.87
CA ASN C 136 1.26 -14.20 -14.30
C ASN C 136 0.51 -15.46 -13.98
N ASP C 137 0.71 -16.54 -14.74
CA ASP C 137 -0.22 -17.68 -14.60
C ASP C 137 -0.22 -18.18 -13.17
N ASN C 138 0.89 -18.76 -12.74
CA ASN C 138 1.00 -19.03 -11.32
C ASN C 138 1.94 -18.03 -10.65
N PRO C 139 1.34 -17.16 -9.85
CA PRO C 139 2.02 -16.27 -8.93
C PRO C 139 2.47 -17.18 -7.81
N SER C 140 1.75 -18.28 -7.63
CA SER C 140 1.96 -19.18 -6.52
C SER C 140 3.46 -19.42 -6.36
N ALA C 141 4.18 -19.53 -7.46
CA ALA C 141 5.62 -19.77 -7.42
C ALA C 141 6.43 -18.53 -7.03
N VAL C 142 6.12 -17.39 -7.66
CA VAL C 142 6.78 -16.12 -7.37
C VAL C 142 6.61 -15.72 -5.92
N ILE C 143 5.40 -15.94 -5.43
CA ILE C 143 5.08 -15.69 -4.04
C ILE C 143 6.01 -16.50 -3.18
N ASN C 144 6.07 -17.81 -3.39
CA ASN C 144 6.88 -18.63 -2.52
C ASN C 144 8.34 -18.21 -2.45
N GLU C 145 8.93 -17.85 -3.57
CA GLU C 145 10.30 -17.37 -3.52
C GLU C 145 10.37 -16.16 -2.60
N ALA C 146 9.40 -15.25 -2.71
CA ALA C 146 9.33 -14.14 -1.77
C ALA C 146 9.38 -14.75 -0.39
N ARG C 147 8.40 -15.58 -0.08
CA ARG C 147 8.34 -16.19 1.19
C ARG C 147 9.71 -16.66 1.55
N LYS C 148 10.41 -17.29 0.63
CA LYS C 148 11.65 -17.91 1.04
C LYS C 148 12.74 -16.88 1.30
N ARG C 149 12.71 -15.77 0.55
CA ARG C 149 13.73 -14.74 0.70
C ARG C 149 13.55 -14.01 2.00
N ALA C 150 12.30 -14.00 2.44
CA ALA C 150 11.92 -13.29 3.64
C ALA C 150 12.49 -13.99 4.84
N VAL C 151 12.24 -15.30 4.93
CA VAL C 151 12.79 -16.13 5.99
C VAL C 151 14.29 -15.98 6.03
N ALA C 152 14.95 -16.21 4.92
CA ALA C 152 16.40 -16.24 4.94
C ALA C 152 16.96 -14.88 5.27
N ASN C 153 16.16 -13.89 4.90
CA ASN C 153 16.46 -12.52 5.26
C ASN C 153 16.36 -12.36 6.76
N ALA C 154 15.34 -12.93 7.34
CA ALA C 154 15.21 -12.81 8.77
C ALA C 154 16.47 -13.31 9.42
N ILE C 155 16.96 -14.45 8.97
CA ILE C 155 18.15 -15.08 9.56
C ILE C 155 19.34 -14.16 9.43
N ALA C 156 19.45 -13.56 8.26
CA ALA C 156 20.52 -12.62 7.97
C ALA C 156 20.67 -11.59 9.09
N LYS C 157 19.54 -10.97 9.45
CA LYS C 157 19.44 -9.94 10.49
C LYS C 157 19.91 -10.47 11.80
N ALA C 158 19.35 -11.62 12.16
CA ALA C 158 19.63 -12.30 13.40
C ALA C 158 21.12 -12.43 13.58
N LYS C 159 21.79 -13.03 12.62
CA LYS C 159 23.24 -13.14 12.66
C LYS C 159 23.94 -11.80 12.95
N THR C 160 23.66 -10.79 12.14
CA THR C 160 24.27 -9.49 12.36
C THR C 160 24.14 -9.12 13.82
N LEU C 161 22.91 -8.96 14.26
CA LEU C 161 22.64 -8.61 15.65
C LEU C 161 23.49 -9.49 16.53
N ALA C 162 23.30 -10.78 16.45
CA ALA C 162 24.09 -11.67 17.31
C ALA C 162 25.59 -11.37 17.31
N ASP C 163 26.18 -11.12 16.14
CA ASP C 163 27.57 -10.72 16.17
C ASP C 163 27.73 -9.44 16.94
N ALA C 164 27.03 -8.40 16.54
CA ALA C 164 27.10 -7.12 17.26
C ALA C 164 26.97 -7.26 18.78
N ALA C 165 26.16 -8.20 19.23
CA ALA C 165 26.02 -8.34 20.66
C ALA C 165 26.94 -9.43 21.27
N GLY C 166 27.71 -10.12 20.42
CA GLY C 166 28.60 -11.16 20.92
C GLY C 166 27.90 -12.37 21.53
N VAL C 167 27.02 -12.99 20.76
CA VAL C 167 26.29 -14.15 21.20
C VAL C 167 26.03 -14.98 19.96
N GLY C 168 26.08 -16.30 20.05
CA GLY C 168 25.87 -17.10 18.86
C GLY C 168 24.40 -17.41 18.81
N LEU C 169 23.86 -17.74 17.63
CA LEU C 169 22.43 -18.09 17.61
C LEU C 169 22.02 -19.53 17.43
N GLY C 170 20.98 -19.86 18.20
CA GLY C 170 20.57 -21.22 18.46
C GLY C 170 19.64 -21.75 17.42
N ARG C 171 18.73 -22.61 17.88
CA ARG C 171 17.75 -23.21 17.02
C ARG C 171 16.84 -22.04 16.66
N VAL C 172 15.85 -22.27 15.81
CA VAL C 172 14.79 -21.29 15.65
C VAL C 172 13.71 -21.77 16.58
N VAL C 173 13.35 -20.97 17.55
CA VAL C 173 12.34 -21.44 18.47
C VAL C 173 10.95 -21.22 17.86
N GLU C 174 10.81 -20.20 17.02
CA GLU C 174 9.51 -20.01 16.44
C GLU C 174 9.48 -19.22 15.13
N ILE C 175 8.44 -19.45 14.32
CA ILE C 175 8.17 -18.75 13.05
C ILE C 175 6.70 -18.38 12.98
N SER C 176 6.43 -17.18 12.47
CA SER C 176 5.07 -16.61 12.38
C SER C 176 4.86 -15.92 11.05
N GLU C 177 3.92 -16.37 10.24
CA GLU C 177 3.28 -15.47 9.30
C GLU C 177 1.78 -15.41 9.60
N LEU C 178 1.40 -14.37 10.34
CA LEU C 178 0.00 -14.10 10.66
C LEU C 178 -0.53 -12.96 9.82
N SER C 179 0.30 -12.54 8.89
CA SER C 179 -0.02 -11.54 7.91
C SER C 179 -1.13 -12.03 6.98
N ARG C 180 -2.06 -11.12 6.66
CA ARG C 180 -2.97 -11.30 5.53
C ARG C 180 -2.12 -11.65 4.31
N PRO C 181 -2.53 -12.68 3.57
CA PRO C 181 -1.82 -13.15 2.39
C PRO C 181 -1.47 -12.01 1.43
N PRO C 182 -0.43 -12.21 0.63
CA PRO C 182 0.16 -11.21 -0.26
C PRO C 182 -0.75 -10.78 -1.40
N MET C 183 -0.68 -9.51 -1.78
CA MET C 183 -1.39 -9.03 -2.98
C MET C 183 -0.40 -8.68 -4.10
N PRO C 184 -0.87 -8.77 -5.35
CA PRO C 184 0.05 -8.49 -6.44
C PRO C 184 0.06 -7.00 -6.60
N MET C 185 0.46 -6.27 -5.58
CA MET C 185 0.40 -4.82 -5.67
C MET C 185 1.33 -4.34 -6.75
N PRO C 186 0.73 -3.76 -7.81
CA PRO C 186 1.43 -3.49 -9.06
C PRO C 186 2.37 -2.36 -8.80
N ILE C 187 3.46 -2.34 -9.55
CA ILE C 187 4.44 -1.30 -9.38
C ILE C 187 4.04 -0.15 -10.29
N ALA C 188 3.70 0.98 -9.68
CA ALA C 188 3.20 2.16 -10.39
C ALA C 188 4.01 3.39 -9.99
N ARG C 189 3.58 4.58 -10.40
CA ARG C 189 4.32 5.79 -10.03
C ARG C 189 4.58 5.82 -8.53
N GLY C 190 3.52 5.91 -7.73
CA GLY C 190 3.65 6.07 -6.28
C GLY C 190 4.60 5.09 -5.61
N GLN C 191 4.65 3.88 -6.15
CA GLN C 191 5.52 2.85 -5.65
C GLN C 191 6.94 2.91 -6.26
N PHE C 192 7.16 3.81 -7.21
CA PHE C 192 8.44 3.85 -7.92
C PHE C 192 9.56 3.68 -6.92
N ARG C 193 9.69 4.70 -6.05
CA ARG C 193 10.74 4.78 -5.04
C ARG C 193 10.67 3.66 -4.02
N THR C 194 9.52 3.55 -3.37
CA THR C 194 9.29 2.59 -2.30
C THR C 194 9.68 1.18 -2.75
N MET C 195 9.24 0.81 -3.94
CA MET C 195 9.60 -0.48 -4.51
C MET C 195 11.09 -0.52 -4.71
N LEU C 196 11.60 0.45 -5.43
CA LEU C 196 13.02 0.50 -5.69
C LEU C 196 13.73 0.22 -4.38
N ALA C 197 13.17 0.76 -3.30
CA ALA C 197 13.76 0.67 -1.98
C ALA C 197 13.85 -0.76 -1.46
N ALA C 198 12.83 -1.56 -1.73
CA ALA C 198 12.81 -2.92 -1.23
C ALA C 198 13.43 -3.95 -2.18
N ALA C 199 13.99 -3.48 -3.30
CA ALA C 199 14.63 -4.38 -4.26
C ALA C 199 15.75 -5.19 -3.62
N PRO C 200 15.66 -6.53 -3.71
CA PRO C 200 16.83 -7.33 -3.31
C PRO C 200 17.97 -6.92 -4.25
N ASP C 201 19.15 -6.69 -3.69
CA ASP C 201 20.21 -6.03 -4.42
C ASP C 201 20.76 -6.78 -5.63
N ASN C 202 21.11 -6.01 -6.66
CA ASN C 202 21.73 -6.52 -7.88
C ASN C 202 21.02 -7.72 -8.53
N SER C 203 19.68 -7.76 -8.42
CA SER C 203 18.87 -8.61 -9.31
C SER C 203 18.63 -7.70 -10.51
N VAL C 204 17.82 -8.11 -11.48
CA VAL C 204 17.51 -7.15 -12.54
C VAL C 204 16.65 -6.10 -11.89
N PRO C 205 16.68 -4.90 -12.43
CA PRO C 205 15.86 -3.89 -11.82
C PRO C 205 14.40 -4.21 -12.13
N ILE C 206 13.53 -3.33 -11.71
CA ILE C 206 12.14 -3.57 -11.86
C ILE C 206 11.64 -2.63 -12.92
N ALA C 207 10.60 -3.04 -13.61
CA ALA C 207 9.99 -2.16 -14.55
C ALA C 207 8.72 -1.66 -13.93
N ALA C 208 8.38 -0.43 -14.26
CA ALA C 208 7.05 0.01 -13.97
C ALA C 208 6.11 -0.96 -14.70
N GLY C 209 4.90 -1.14 -14.17
CA GLY C 209 3.95 -2.01 -14.82
C GLY C 209 4.19 -3.45 -14.44
N GLU C 210 5.32 -3.73 -13.81
CA GLU C 210 5.57 -5.09 -13.35
C GLU C 210 4.61 -5.35 -12.23
N ASN C 211 4.67 -6.51 -11.64
CA ASN C 211 3.83 -6.74 -10.51
C ASN C 211 4.66 -7.26 -9.38
N SER C 212 4.48 -6.69 -8.20
CA SER C 212 5.33 -7.01 -7.09
C SER C 212 4.64 -7.87 -6.06
N TYR C 213 5.18 -9.06 -5.85
CA TYR C 213 4.71 -9.90 -4.79
C TYR C 213 5.56 -9.72 -3.59
N ASN C 214 4.97 -9.60 -2.42
CA ASN C 214 5.77 -9.26 -1.26
C ASN C 214 5.36 -9.90 0.10
N VAL C 215 6.28 -10.50 0.85
CA VAL C 215 5.88 -11.13 2.12
C VAL C 215 6.77 -10.80 3.32
N SER C 216 6.19 -10.77 4.52
CA SER C 216 6.92 -10.40 5.72
C SER C 216 6.60 -11.39 6.77
N VAL C 217 7.62 -11.83 7.48
CA VAL C 217 7.50 -12.97 8.38
C VAL C 217 8.44 -12.84 9.60
N ASN C 218 7.98 -13.24 10.77
CA ASN C 218 8.77 -13.10 12.01
C ASN C 218 9.34 -14.39 12.49
N VAL C 219 10.62 -14.41 12.85
CA VAL C 219 11.20 -15.67 13.37
C VAL C 219 12.07 -15.46 14.65
N VAL C 220 12.16 -16.49 15.50
CA VAL C 220 12.79 -16.36 16.81
C VAL C 220 13.83 -17.44 17.16
N PHE C 221 15.07 -17.01 17.38
CA PHE C 221 16.20 -17.90 17.69
C PHE C 221 16.60 -17.91 19.18
N GLU C 222 16.93 -19.09 19.72
CA GLU C 222 17.65 -19.20 21.00
C GLU C 222 19.00 -18.55 20.84
N ILE C 223 19.54 -17.94 21.90
CA ILE C 223 20.94 -17.56 21.82
C ILE C 223 21.79 -18.74 22.22
N LYS C 224 22.62 -19.22 21.29
CA LYS C 224 23.60 -20.24 21.59
C LYS C 224 24.44 -19.69 22.75
N PRO D 11 8.08 -23.91 24.19
CA PRO D 11 8.01 -24.89 23.11
C PRO D 11 8.19 -24.19 21.75
N ALA D 12 8.33 -24.97 20.66
CA ALA D 12 8.55 -24.37 19.34
C ALA D 12 7.39 -24.61 18.41
N ARG D 13 7.20 -23.69 17.48
CA ARG D 13 6.09 -23.78 16.56
C ARG D 13 6.14 -22.75 15.48
N ILE D 14 5.35 -23.01 14.44
CA ILE D 14 5.20 -22.12 13.31
C ILE D 14 3.74 -21.85 13.32
N ALA D 15 3.36 -20.58 13.22
CA ALA D 15 1.96 -20.21 13.24
C ALA D 15 1.68 -19.36 12.05
N VAL D 16 0.73 -19.83 11.24
CA VAL D 16 0.34 -19.18 10.00
C VAL D 16 -1.17 -19.10 9.90
N THR D 17 -1.61 -18.13 9.11
CA THR D 17 -3.01 -18.03 8.71
C THR D 17 -3.09 -18.51 7.28
N GLY D 18 -3.85 -19.57 7.07
CA GLY D 18 -4.14 -19.97 5.73
C GLY D 18 -5.48 -19.41 5.32
N GLU D 19 -5.62 -19.19 4.03
CA GLU D 19 -6.84 -18.68 3.47
C GLU D 19 -7.24 -19.41 2.19
N GLY D 20 -8.33 -20.15 2.26
CA GLY D 20 -8.94 -20.82 1.11
C GLY D 20 -10.05 -20.01 0.47
N MET D 21 -10.33 -20.24 -0.80
CA MET D 21 -11.43 -19.53 -1.39
C MET D 21 -12.05 -20.27 -2.55
N MET D 22 -13.37 -20.12 -2.63
CA MET D 22 -14.15 -20.71 -3.70
C MET D 22 -15.17 -19.76 -4.25
N THR D 23 -15.59 -20.02 -5.47
CA THR D 23 -16.35 -19.06 -6.22
C THR D 23 -17.36 -19.81 -7.06
N ALA D 24 -18.61 -19.35 -7.06
CA ALA D 24 -19.67 -20.07 -7.75
C ALA D 24 -20.78 -19.29 -8.50
N SER D 25 -21.64 -20.10 -9.11
CA SER D 25 -22.52 -19.71 -10.21
C SER D 25 -23.99 -19.82 -9.81
N PRO D 26 -24.69 -18.68 -9.72
CA PRO D 26 -26.06 -18.72 -9.18
C PRO D 26 -26.95 -19.80 -9.84
N ASP D 27 -27.70 -20.53 -9.03
CA ASP D 27 -28.63 -21.52 -9.53
C ASP D 27 -30.03 -20.96 -9.50
N MET D 28 -30.57 -20.91 -8.29
CA MET D 28 -31.91 -20.40 -8.09
C MET D 28 -31.86 -18.87 -8.22
N ALA D 29 -33.04 -18.23 -8.26
CA ALA D 29 -33.13 -16.79 -8.12
C ALA D 29 -34.29 -16.51 -7.22
N ILE D 30 -34.01 -16.00 -6.04
CA ILE D 30 -35.06 -15.68 -5.10
C ILE D 30 -35.52 -14.24 -5.36
N LEU D 31 -36.83 -14.00 -5.29
CA LEU D 31 -37.30 -12.64 -5.49
C LEU D 31 -38.39 -12.21 -4.55
N ASN D 32 -38.29 -10.93 -4.17
CA ASN D 32 -39.19 -10.30 -3.22
C ASN D 32 -40.07 -9.36 -3.99
N LEU D 33 -41.35 -9.70 -3.99
CA LEU D 33 -42.37 -8.84 -4.52
C LEU D 33 -43.38 -8.71 -3.40
N SER D 34 -44.06 -7.57 -3.37
CA SER D 34 -45.00 -7.21 -2.32
C SER D 34 -46.27 -6.72 -2.99
N VAL D 35 -47.42 -7.15 -2.46
CA VAL D 35 -48.75 -6.82 -3.00
C VAL D 35 -49.48 -5.84 -2.11
N LEU D 36 -49.83 -4.68 -2.65
CA LEU D 36 -50.50 -3.68 -1.84
C LEU D 36 -51.82 -3.18 -2.42
N ARG D 37 -52.90 -3.24 -1.64
CA ARG D 37 -54.15 -2.59 -2.04
C ARG D 37 -54.65 -1.56 -0.98
N GLN D 38 -55.70 -0.79 -1.30
CA GLN D 38 -56.07 0.38 -0.48
C GLN D 38 -57.55 0.49 -0.11
N ALA D 39 -57.87 1.50 0.70
CA ALA D 39 -59.17 1.56 1.34
C ALA D 39 -59.63 2.98 1.49
N LYS D 40 -60.72 3.16 2.24
CA LYS D 40 -60.86 4.33 3.09
C LYS D 40 -60.56 3.91 4.52
N THR D 41 -60.27 2.63 4.74
CA THR D 41 -60.07 2.14 6.10
C THR D 41 -59.27 0.84 6.27
N ALA D 42 -58.74 0.65 7.47
CA ALA D 42 -57.88 -0.47 7.78
C ALA D 42 -58.65 -1.72 7.52
N ARG D 43 -59.57 -1.98 8.41
CA ARG D 43 -60.31 -3.24 8.41
C ARG D 43 -60.78 -3.58 7.00
N GLU D 44 -61.15 -2.55 6.22
CA GLU D 44 -61.67 -2.80 4.89
C GLU D 44 -60.58 -3.21 3.92
N ALA D 45 -59.50 -2.44 3.88
CA ALA D 45 -58.48 -2.65 2.86
C ALA D 45 -57.57 -3.83 3.16
N MET D 46 -57.45 -4.15 4.44
CA MET D 46 -56.66 -5.29 4.84
C MET D 46 -57.19 -6.55 4.15
N THR D 47 -58.52 -6.62 3.99
CA THR D 47 -59.12 -7.74 3.27
C THR D 47 -58.86 -7.53 1.79
N ALA D 48 -58.99 -6.31 1.31
CA ALA D 48 -58.59 -6.04 -0.08
C ALA D 48 -57.16 -6.50 -0.43
N ASN D 49 -56.28 -6.56 0.56
CA ASN D 49 -54.97 -7.19 0.40
C ASN D 49 -55.04 -8.71 0.64
N ASN D 50 -55.73 -9.12 1.71
CA ASN D 50 -55.76 -10.53 2.12
C ASN D 50 -56.18 -11.49 1.03
N GLU D 51 -57.15 -11.09 0.21
CA GLU D 51 -57.54 -11.90 -0.91
C GLU D 51 -56.69 -11.69 -2.17
N ALA D 52 -56.30 -10.44 -2.47
CA ALA D 52 -55.63 -10.13 -3.74
C ALA D 52 -54.32 -10.89 -3.72
N MET D 53 -53.93 -11.28 -2.51
CA MET D 53 -52.80 -12.18 -2.25
C MET D 53 -53.00 -13.52 -2.92
N THR D 54 -53.97 -14.27 -2.39
CA THR D 54 -54.33 -15.58 -2.88
C THR D 54 -54.80 -15.50 -4.33
N LYS D 55 -55.06 -14.29 -4.83
CA LYS D 55 -55.14 -14.13 -6.28
C LYS D 55 -53.80 -14.62 -6.82
N VAL D 56 -52.72 -13.93 -6.44
CA VAL D 56 -51.41 -14.18 -7.02
C VAL D 56 -50.64 -15.39 -6.41
N LEU D 57 -50.99 -15.79 -5.20
CA LEU D 57 -50.55 -17.06 -4.68
C LEU D 57 -50.96 -18.18 -5.63
N ASP D 58 -51.98 -17.93 -6.43
CA ASP D 58 -52.56 -18.90 -7.37
C ASP D 58 -51.93 -18.77 -8.73
N ALA D 59 -52.02 -17.57 -9.30
CA ALA D 59 -51.42 -17.28 -10.58
C ALA D 59 -49.97 -17.74 -10.60
N MET D 60 -49.42 -18.04 -9.42
CA MET D 60 -48.06 -18.59 -9.30
C MET D 60 -47.92 -20.12 -9.51
N LYS D 61 -48.86 -20.88 -8.96
CA LYS D 61 -48.88 -22.32 -9.19
C LYS D 61 -49.34 -22.59 -10.64
N LYS D 62 -50.02 -21.61 -11.20
CA LYS D 62 -50.55 -21.70 -12.56
C LYS D 62 -49.53 -21.27 -13.60
N ALA D 63 -48.45 -20.64 -13.14
CA ALA D 63 -47.23 -20.64 -13.94
C ALA D 63 -46.34 -21.72 -13.38
N GLY D 64 -46.87 -22.42 -12.37
CA GLY D 64 -46.18 -23.55 -11.79
C GLY D 64 -45.03 -23.37 -10.80
N ILE D 65 -45.22 -22.60 -9.75
CA ILE D 65 -44.26 -22.60 -8.63
C ILE D 65 -44.79 -23.48 -7.49
N GLU D 66 -43.93 -24.31 -6.91
CA GLU D 66 -44.39 -25.25 -5.90
C GLU D 66 -44.79 -24.49 -4.64
N ASP D 67 -45.19 -25.20 -3.58
CA ASP D 67 -45.39 -24.59 -2.24
C ASP D 67 -44.10 -24.47 -1.43
N ARG D 68 -43.24 -25.47 -1.60
CA ARG D 68 -41.93 -25.50 -0.97
C ARG D 68 -41.27 -24.21 -1.37
N ASP D 69 -41.62 -23.78 -2.57
CA ASP D 69 -41.06 -22.58 -3.13
C ASP D 69 -41.89 -21.33 -2.94
N LEU D 70 -42.97 -21.36 -2.16
CA LEU D 70 -43.71 -20.11 -1.90
C LEU D 70 -44.01 -19.84 -0.43
N GLN D 71 -43.58 -18.67 0.03
CA GLN D 71 -43.77 -18.25 1.43
C GLN D 71 -43.87 -16.72 1.60
N THR D 72 -44.56 -16.31 2.67
CA THR D 72 -44.79 -14.90 2.99
C THR D 72 -45.08 -14.63 4.46
N GLY D 73 -45.23 -13.33 4.75
CA GLY D 73 -45.48 -12.86 6.10
C GLY D 73 -45.21 -11.38 6.17
N GLY D 74 -45.63 -10.80 7.29
CA GLY D 74 -45.38 -9.41 7.58
C GLY D 74 -46.43 -8.54 6.92
N ILE D 75 -46.82 -7.50 7.64
CA ILE D 75 -47.83 -6.63 7.13
C ILE D 75 -47.40 -5.23 7.47
N ASP D 76 -47.80 -4.31 6.61
CA ASP D 76 -47.49 -2.91 6.81
C ASP D 76 -48.81 -2.29 6.52
N ILE D 77 -49.40 -1.69 7.54
CA ILE D 77 -50.59 -0.89 7.37
C ILE D 77 -50.17 0.57 7.60
N GLN D 78 -50.32 1.44 6.62
CA GLN D 78 -50.11 2.85 6.95
C GLN D 78 -50.97 3.87 6.19
N PRO D 79 -51.36 4.94 6.91
CA PRO D 79 -52.19 6.03 6.42
C PRO D 79 -51.74 6.52 5.06
N ILE D 80 -52.68 6.89 4.21
CA ILE D 80 -52.31 7.79 3.13
C ILE D 80 -52.88 9.15 3.42
N TYR D 81 -52.11 10.18 3.09
CA TYR D 81 -52.47 11.53 3.45
C TYR D 81 -52.82 12.35 2.19
N VAL D 82 -53.25 13.59 2.39
CA VAL D 82 -53.51 14.46 1.26
C VAL D 82 -52.77 15.77 1.49
N TYR D 83 -52.01 16.18 0.47
CA TYR D 83 -50.85 17.07 0.63
C TYR D 83 -51.08 18.48 0.10
N PRO D 84 -50.98 19.51 0.96
CA PRO D 84 -51.14 20.95 0.70
C PRO D 84 -50.40 21.49 -0.56
N ASP D 85 -51.10 22.26 -1.37
CA ASP D 85 -50.59 22.93 -2.60
C ASP D 85 -51.43 24.19 -2.73
N ASP D 86 -51.65 24.77 -3.91
CA ASP D 86 -52.64 25.84 -3.83
C ASP D 86 -54.04 25.29 -4.06
N LYS D 87 -54.57 24.78 -2.95
CA LYS D 87 -55.94 24.75 -2.48
C LYS D 87 -55.71 24.72 -0.96
N ASN D 88 -55.20 23.53 -0.61
CA ASN D 88 -54.86 22.96 0.71
C ASN D 88 -55.85 23.23 1.84
N ASN D 89 -55.42 22.99 3.08
CA ASN D 89 -55.96 23.62 4.29
C ASN D 89 -55.69 22.78 5.57
N LEU D 90 -55.79 23.40 6.74
CA LEU D 90 -55.21 22.91 7.99
C LEU D 90 -53.76 22.59 7.65
N LYS D 91 -53.38 23.00 6.42
CA LYS D 91 -52.02 23.26 5.91
C LYS D 91 -51.01 22.12 6.09
N GLU D 92 -51.41 21.16 6.93
CA GLU D 92 -50.74 19.91 7.11
C GLU D 92 -51.31 19.11 5.98
N PRO D 93 -50.98 17.85 5.91
CA PRO D 93 -51.88 16.96 5.19
C PRO D 93 -52.81 16.24 6.19
N THR D 94 -53.75 15.44 5.72
CA THR D 94 -54.66 14.69 6.63
C THR D 94 -55.14 13.36 6.02
N ILE D 95 -55.56 12.39 6.84
CA ILE D 95 -55.72 11.00 6.38
C ILE D 95 -56.93 10.76 5.53
N THR D 96 -56.73 10.36 4.27
CA THR D 96 -57.86 9.96 3.43
C THR D 96 -58.06 8.46 3.36
N GLY D 97 -57.32 7.70 4.15
CA GLY D 97 -57.40 6.25 4.06
C GLY D 97 -56.11 5.54 4.40
N TYR D 98 -56.07 4.25 4.11
CA TYR D 98 -54.99 3.38 4.55
C TYR D 98 -54.41 2.61 3.36
N SER D 99 -53.16 2.15 3.48
CA SER D 99 -52.59 1.33 2.41
C SER D 99 -51.82 0.20 3.01
N VAL D 100 -52.24 -1.01 2.69
CA VAL D 100 -51.64 -2.18 3.31
C VAL D 100 -50.89 -2.97 2.28
N SER D 101 -49.71 -3.45 2.68
CA SER D 101 -48.93 -4.30 1.83
C SER D 101 -48.72 -5.64 2.50
N THR D 102 -48.38 -6.67 1.72
CA THR D 102 -47.78 -7.89 2.27
C THR D 102 -46.74 -8.44 1.35
N SER D 103 -45.67 -8.92 1.93
CA SER D 103 -44.62 -9.48 1.11
C SER D 103 -44.82 -10.96 0.91
N LEU D 104 -44.63 -11.34 -0.35
CA LEU D 104 -44.56 -12.71 -0.76
C LEU D 104 -43.27 -12.80 -1.52
N THR D 105 -42.51 -13.87 -1.25
CA THR D 105 -41.27 -14.18 -1.97
C THR D 105 -41.43 -15.45 -2.79
N VAL D 106 -40.68 -15.50 -3.89
CA VAL D 106 -40.85 -16.55 -4.88
C VAL D 106 -39.51 -17.24 -5.23
N ARG D 107 -39.35 -18.50 -4.80
CA ARG D 107 -38.10 -19.23 -5.04
C ARG D 107 -38.17 -19.91 -6.40
N VAL D 108 -37.35 -19.44 -7.31
CA VAL D 108 -37.42 -19.84 -8.71
C VAL D 108 -36.17 -20.59 -9.08
N ARG D 109 -36.26 -21.89 -9.30
CA ARG D 109 -35.10 -22.63 -9.76
C ARG D 109 -35.05 -22.68 -11.27
N GLU D 110 -34.00 -23.23 -11.85
CA GLU D 110 -33.90 -23.16 -13.30
C GLU D 110 -33.77 -21.76 -13.96
N LEU D 111 -32.54 -21.27 -14.05
CA LEU D 111 -32.23 -19.91 -14.53
C LEU D 111 -33.17 -19.57 -15.66
N ALA D 112 -32.96 -20.16 -16.83
CA ALA D 112 -33.52 -19.56 -18.04
C ALA D 112 -35.04 -19.52 -17.97
N ASN D 113 -35.58 -20.11 -16.90
CA ASN D 113 -37.03 -20.09 -16.67
C ASN D 113 -37.57 -18.86 -15.91
N VAL D 114 -36.70 -17.90 -15.59
CA VAL D 114 -37.08 -16.79 -14.68
C VAL D 114 -37.86 -15.59 -15.27
N GLY D 115 -37.61 -15.29 -16.55
CA GLY D 115 -38.35 -14.25 -17.27
C GLY D 115 -39.82 -14.57 -17.23
N LYS D 116 -40.15 -15.85 -17.38
CA LYS D 116 -41.54 -16.30 -17.30
C LYS D 116 -42.12 -15.74 -16.01
N ILE D 117 -41.64 -16.24 -14.89
CA ILE D 117 -42.24 -15.93 -13.60
C ILE D 117 -41.93 -14.50 -13.13
N LEU D 118 -41.07 -13.80 -13.88
CA LEU D 118 -40.86 -12.38 -13.63
C LEU D 118 -41.88 -11.43 -14.30
N ASP D 119 -42.21 -11.68 -15.57
CA ASP D 119 -43.14 -10.81 -16.29
C ASP D 119 -44.54 -11.12 -15.84
N GLU D 120 -44.67 -12.23 -15.13
CA GLU D 120 -45.87 -12.57 -14.41
C GLU D 120 -46.15 -11.50 -13.38
N SER D 121 -45.08 -10.87 -12.91
CA SER D 121 -45.18 -9.80 -11.92
C SER D 121 -45.73 -8.57 -12.60
N VAL D 122 -44.89 -7.97 -13.44
CA VAL D 122 -45.14 -6.64 -14.01
C VAL D 122 -46.58 -6.64 -14.50
N THR D 123 -47.07 -7.85 -14.83
CA THR D 123 -48.48 -8.00 -15.09
C THR D 123 -49.28 -7.72 -13.83
N LEU D 124 -49.02 -8.44 -12.75
CA LEU D 124 -49.92 -8.34 -11.60
C LEU D 124 -49.61 -7.22 -10.57
N GLY D 125 -48.69 -6.32 -10.89
CA GLY D 125 -48.21 -5.34 -9.93
C GLY D 125 -47.05 -5.95 -9.17
N VAL D 126 -46.94 -5.65 -7.88
CA VAL D 126 -46.07 -6.42 -6.99
C VAL D 126 -44.56 -6.14 -7.11
N ASN D 127 -44.16 -5.52 -8.22
CA ASN D 127 -42.77 -5.13 -8.42
C ASN D 127 -42.62 -4.06 -9.53
N GLN D 128 -41.51 -3.32 -9.50
CA GLN D 128 -41.01 -2.68 -10.73
C GLN D 128 -39.48 -2.98 -10.85
N GLY D 129 -39.13 -3.88 -11.77
CA GLY D 129 -37.76 -4.30 -12.07
C GLY D 129 -37.11 -5.50 -11.36
N GLY D 130 -37.54 -5.82 -10.15
CA GLY D 130 -36.90 -6.87 -9.36
C GLY D 130 -35.67 -6.34 -8.64
N ASP D 131 -35.37 -6.87 -7.44
CA ASP D 131 -34.08 -6.64 -6.79
C ASP D 131 -33.18 -7.79 -7.24
N LEU D 132 -33.83 -8.81 -7.79
CA LEU D 132 -33.20 -9.98 -8.39
C LEU D 132 -31.98 -10.58 -7.70
N ASN D 133 -32.28 -11.28 -6.61
CA ASN D 133 -31.24 -11.81 -5.76
C ASN D 133 -31.07 -13.29 -6.06
N LEU D 134 -29.89 -13.73 -6.47
CA LEU D 134 -29.73 -15.14 -6.78
C LEU D 134 -28.64 -15.83 -5.99
N VAL D 135 -29.02 -16.64 -5.01
CA VAL D 135 -28.03 -17.38 -4.22
C VAL D 135 -27.89 -18.73 -4.89
N ASN D 136 -27.31 -19.73 -4.25
CA ASN D 136 -27.21 -21.03 -4.92
C ASN D 136 -27.45 -22.26 -4.08
N ASP D 137 -27.38 -23.40 -4.75
CA ASP D 137 -27.98 -24.64 -4.25
C ASP D 137 -27.75 -24.84 -2.77
N ASN D 138 -26.51 -25.15 -2.42
CA ASN D 138 -26.17 -25.43 -1.03
C ASN D 138 -24.93 -24.63 -0.73
N PRO D 139 -25.11 -23.39 -0.24
CA PRO D 139 -23.90 -22.63 0.02
C PRO D 139 -23.05 -23.36 1.03
N SER D 140 -23.68 -23.98 2.02
CA SER D 140 -22.91 -24.69 3.01
C SER D 140 -21.89 -25.61 2.32
N ALA D 141 -22.20 -26.05 1.11
CA ALA D 141 -21.30 -26.91 0.37
C ALA D 141 -20.08 -26.16 -0.11
N VAL D 142 -20.26 -25.05 -0.83
CA VAL D 142 -19.13 -24.32 -1.41
C VAL D 142 -18.26 -23.80 -0.30
N ILE D 143 -18.89 -23.20 0.71
CA ILE D 143 -18.15 -22.68 1.84
C ILE D 143 -17.27 -23.80 2.31
N ASN D 144 -17.91 -24.92 2.61
CA ASN D 144 -17.19 -25.99 3.26
C ASN D 144 -15.94 -26.41 2.53
N GLU D 145 -15.90 -26.28 1.20
CA GLU D 145 -14.67 -26.53 0.48
C GLU D 145 -13.67 -25.35 0.44
N ALA D 146 -14.16 -24.11 0.37
CA ALA D 146 -13.23 -22.99 0.50
C ALA D 146 -12.52 -23.23 1.82
N ARG D 147 -13.24 -23.82 2.76
CA ARG D 147 -12.67 -24.06 4.05
C ARG D 147 -11.58 -25.08 3.98
N LYS D 148 -11.87 -26.25 3.43
CA LYS D 148 -10.86 -27.30 3.32
C LYS D 148 -9.66 -26.74 2.54
N ARG D 149 -9.95 -26.04 1.45
CA ARG D 149 -8.94 -25.36 0.68
C ARG D 149 -8.06 -24.49 1.59
N ALA D 150 -8.70 -23.71 2.45
CA ALA D 150 -7.96 -22.80 3.33
C ALA D 150 -6.94 -23.54 4.15
N VAL D 151 -7.40 -24.43 5.02
CA VAL D 151 -6.52 -25.21 5.88
C VAL D 151 -5.37 -25.79 5.12
N ALA D 152 -5.69 -26.38 3.98
CA ALA D 152 -4.70 -27.00 3.12
C ALA D 152 -3.66 -25.96 2.77
N ASN D 153 -4.12 -24.82 2.30
CA ASN D 153 -3.24 -23.71 2.03
C ASN D 153 -2.39 -23.27 3.23
N ALA D 154 -2.82 -23.57 4.43
CA ALA D 154 -2.04 -23.14 5.57
C ALA D 154 -0.86 -24.08 5.78
N ILE D 155 -1.16 -25.38 5.75
CA ILE D 155 -0.20 -26.39 6.05
C ILE D 155 0.84 -26.23 4.99
N ALA D 156 0.37 -25.97 3.77
CA ALA D 156 1.22 -25.59 2.64
C ALA D 156 2.23 -24.53 3.01
N LYS D 157 1.73 -23.37 3.41
CA LYS D 157 2.52 -22.22 3.88
C LYS D 157 3.56 -22.58 4.96
N ALA D 158 3.08 -23.22 6.03
CA ALA D 158 3.92 -23.61 7.15
C ALA D 158 5.17 -24.31 6.65
N LYS D 159 4.93 -25.27 5.76
CA LYS D 159 5.97 -26.12 5.19
C LYS D 159 7.01 -25.33 4.38
N THR D 160 6.57 -24.42 3.51
CA THR D 160 7.50 -23.55 2.76
C THR D 160 8.42 -22.88 3.77
N LEU D 161 7.83 -22.56 4.92
CA LEU D 161 8.53 -21.84 5.96
C LEU D 161 9.55 -22.72 6.60
N ALA D 162 9.12 -23.87 7.13
CA ALA D 162 10.08 -24.71 7.82
C ALA D 162 11.22 -25.07 6.86
N ASP D 163 10.88 -25.56 5.69
CA ASP D 163 11.86 -25.92 4.67
C ASP D 163 12.89 -24.81 4.47
N ALA D 164 12.47 -23.56 4.53
CA ALA D 164 13.44 -22.50 4.26
C ALA D 164 14.30 -22.20 5.48
N ALA D 165 13.80 -22.61 6.62
CA ALA D 165 14.38 -22.21 7.89
C ALA D 165 15.20 -23.34 8.38
N GLY D 166 15.21 -24.44 7.65
CA GLY D 166 15.99 -25.58 8.08
C GLY D 166 15.46 -26.40 9.25
N VAL D 167 14.14 -26.45 9.43
CA VAL D 167 13.54 -27.27 10.47
C VAL D 167 12.55 -28.28 9.90
N GLY D 168 11.98 -29.10 10.79
CA GLY D 168 10.96 -30.03 10.36
C GLY D 168 9.58 -29.52 10.73
N LEU D 169 8.54 -29.97 10.04
CA LEU D 169 7.20 -29.55 10.39
C LEU D 169 6.55 -30.65 11.17
N GLY D 170 5.90 -30.30 12.27
CA GLY D 170 5.35 -31.32 13.15
C GLY D 170 3.84 -31.50 13.12
N ARG D 171 3.27 -32.04 14.19
CA ARG D 171 1.82 -32.11 14.32
C ARG D 171 1.12 -30.74 14.36
N VAL D 172 -0.15 -30.70 14.00
CA VAL D 172 -0.92 -29.50 14.24
C VAL D 172 -1.27 -29.54 15.73
N VAL D 173 -0.88 -28.47 16.42
CA VAL D 173 -1.32 -28.23 17.78
C VAL D 173 -2.45 -27.19 17.94
N GLU D 174 -2.64 -26.34 16.95
CA GLU D 174 -3.86 -25.53 16.97
C GLU D 174 -4.43 -25.16 15.61
N ILE D 175 -5.75 -25.33 15.48
CA ILE D 175 -6.52 -24.69 14.41
C ILE D 175 -7.49 -23.79 15.08
N SER D 176 -7.78 -22.66 14.44
CA SER D 176 -8.98 -21.89 14.76
C SER D 176 -9.38 -20.96 13.62
N GLU D 177 -10.68 -20.77 13.45
CA GLU D 177 -11.19 -19.62 12.69
C GLU D 177 -12.29 -19.07 13.55
N LEU D 178 -12.04 -17.92 14.15
CA LEU D 178 -13.12 -17.23 14.84
C LEU D 178 -13.57 -16.02 14.07
N SER D 179 -12.96 -15.88 12.91
CA SER D 179 -13.30 -14.82 11.99
C SER D 179 -14.81 -14.92 11.74
N ARG D 180 -15.42 -13.76 11.49
CA ARG D 180 -16.86 -13.67 11.26
C ARG D 180 -17.18 -14.42 9.96
N PRO D 181 -18.08 -15.42 10.01
CA PRO D 181 -18.49 -16.36 8.98
C PRO D 181 -18.79 -15.71 7.64
N PRO D 182 -18.52 -16.40 6.54
CA PRO D 182 -18.45 -15.87 5.17
C PRO D 182 -19.79 -15.57 4.48
N MET D 183 -19.77 -14.54 3.66
CA MET D 183 -20.96 -14.03 2.97
C MET D 183 -20.91 -14.29 1.50
N PRO D 184 -21.96 -14.90 0.93
CA PRO D 184 -21.95 -14.84 -0.53
C PRO D 184 -21.62 -13.42 -0.96
N MET D 185 -20.74 -13.27 -1.95
CA MET D 185 -19.99 -12.03 -2.10
C MET D 185 -19.77 -11.58 -3.54
N PRO D 186 -20.87 -11.26 -4.27
CA PRO D 186 -20.74 -11.03 -5.71
C PRO D 186 -19.70 -9.99 -6.13
N ILE D 187 -19.34 -10.07 -7.39
CA ILE D 187 -18.19 -9.35 -7.90
C ILE D 187 -18.56 -8.02 -8.61
N ALA D 188 -17.92 -6.91 -8.22
CA ALA D 188 -18.06 -5.61 -8.90
C ALA D 188 -16.89 -5.39 -9.85
N ARG D 189 -16.86 -4.28 -10.58
CA ARG D 189 -15.70 -4.08 -11.45
C ARG D 189 -14.44 -3.68 -10.67
N GLY D 190 -14.63 -3.11 -9.48
CA GLY D 190 -13.50 -2.73 -8.66
C GLY D 190 -12.76 -3.94 -8.11
N GLN D 191 -13.52 -5.02 -7.88
CA GLN D 191 -12.97 -6.31 -7.47
C GLN D 191 -12.14 -6.96 -8.57
N PHE D 192 -12.45 -6.66 -9.84
CA PHE D 192 -11.39 -6.46 -10.81
C PHE D 192 -10.31 -7.47 -10.50
N ARG D 193 -9.13 -6.92 -10.26
CA ARG D 193 -7.96 -7.65 -9.83
C ARG D 193 -8.15 -8.30 -8.47
N THR D 194 -8.51 -7.50 -7.46
CA THR D 194 -8.42 -7.94 -6.05
C THR D 194 -9.08 -9.30 -5.84
N MET D 195 -9.96 -9.65 -6.76
CA MET D 195 -10.53 -10.99 -6.79
C MET D 195 -9.63 -12.02 -7.48
N LEU D 196 -8.95 -11.59 -8.54
CA LEU D 196 -8.08 -12.47 -9.31
C LEU D 196 -7.02 -13.05 -8.42
N ALA D 197 -6.57 -12.23 -7.48
CA ALA D 197 -5.58 -12.69 -6.54
C ALA D 197 -5.98 -14.07 -6.01
N ALA D 198 -7.04 -14.13 -5.21
CA ALA D 198 -7.28 -15.29 -4.36
C ALA D 198 -7.72 -16.59 -5.05
N ALA D 199 -8.02 -16.53 -6.35
CA ALA D 199 -8.55 -17.70 -7.07
C ALA D 199 -7.57 -18.84 -7.32
N PRO D 200 -7.96 -20.09 -6.95
CA PRO D 200 -7.01 -21.19 -7.12
C PRO D 200 -6.45 -21.12 -8.53
N ASP D 201 -5.13 -21.26 -8.68
CA ASP D 201 -4.52 -21.21 -10.01
C ASP D 201 -5.18 -22.24 -10.89
N ASN D 202 -5.67 -21.79 -12.05
CA ASN D 202 -5.99 -22.71 -13.12
C ASN D 202 -7.24 -23.56 -12.89
N SER D 203 -7.93 -23.30 -11.78
CA SER D 203 -9.33 -23.71 -11.67
C SER D 203 -10.00 -22.81 -12.73
N VAL D 204 -11.31 -22.95 -12.94
CA VAL D 204 -11.97 -22.22 -14.04
C VAL D 204 -11.65 -20.73 -13.92
N PRO D 205 -11.44 -20.04 -15.05
CA PRO D 205 -11.16 -18.62 -14.83
C PRO D 205 -12.37 -18.02 -14.15
N ILE D 206 -12.17 -17.07 -13.26
CA ILE D 206 -13.26 -16.50 -12.49
C ILE D 206 -14.14 -15.57 -13.37
N ALA D 207 -15.21 -14.98 -12.83
CA ALA D 207 -16.06 -14.12 -13.66
C ALA D 207 -17.19 -13.42 -12.92
N ALA D 208 -17.63 -12.32 -13.53
CA ALA D 208 -18.53 -11.38 -12.91
C ALA D 208 -19.85 -12.00 -12.46
N GLY D 209 -20.40 -11.50 -11.37
CA GLY D 209 -21.71 -11.93 -10.95
C GLY D 209 -21.66 -13.22 -10.17
N GLU D 210 -20.48 -13.83 -10.13
CA GLU D 210 -20.25 -15.05 -9.38
C GLU D 210 -20.34 -14.80 -7.90
N ASN D 211 -20.82 -15.77 -7.15
CA ASN D 211 -20.78 -15.66 -5.70
C ASN D 211 -19.39 -16.02 -5.24
N SER D 212 -18.79 -15.25 -4.35
CA SER D 212 -17.46 -15.54 -3.90
C SER D 212 -17.39 -15.81 -2.41
N TYR D 213 -16.84 -16.94 -2.02
CA TYR D 213 -16.80 -17.28 -0.61
C TYR D 213 -15.37 -17.41 -0.10
N ASN D 214 -14.90 -16.48 0.74
CA ASN D 214 -13.61 -16.71 1.43
C ASN D 214 -13.80 -17.21 2.85
N VAL D 215 -12.99 -18.18 3.25
CA VAL D 215 -12.87 -18.52 4.64
C VAL D 215 -11.40 -18.45 4.99
N SER D 216 -11.12 -17.96 6.19
CA SER D 216 -9.77 -17.69 6.65
C SER D 216 -9.57 -18.32 8.02
N VAL D 217 -8.40 -18.92 8.18
CA VAL D 217 -8.21 -19.90 9.23
C VAL D 217 -6.74 -19.90 9.74
N ASN D 218 -6.59 -20.19 11.02
CA ASN D 218 -5.34 -20.05 11.72
C ASN D 218 -4.78 -21.34 12.27
N VAL D 219 -3.55 -21.69 11.88
CA VAL D 219 -2.99 -22.97 12.31
C VAL D 219 -1.59 -22.82 12.86
N VAL D 220 -1.34 -23.61 13.90
CA VAL D 220 -0.03 -23.71 14.52
C VAL D 220 0.45 -25.15 14.53
N PHE D 221 1.61 -25.39 13.94
CA PHE D 221 2.20 -26.71 14.02
C PHE D 221 3.40 -26.53 14.90
N GLU D 222 3.80 -27.59 15.58
CA GLU D 222 5.02 -27.58 16.36
C GLU D 222 6.22 -27.75 15.45
N ILE D 223 7.34 -27.10 15.81
CA ILE D 223 8.62 -27.24 15.08
C ILE D 223 9.43 -28.42 15.60
N LYS D 224 10.15 -29.16 14.73
CA LYS D 224 10.80 -30.40 15.17
C LYS D 224 12.30 -30.54 14.83
#